data_3T1V
#
_entry.id   3T1V
#
_cell.length_a   94.380
_cell.length_b   48.870
_cell.length_c   100.660
_cell.angle_alpha   90.00
_cell.angle_beta   104.17
_cell.angle_gamma   90.00
#
_symmetry.space_group_name_H-M   'P 1 21 1'
#
loop_
_entity.id
_entity.type
_entity.pdbx_description
1 polymer 'Gliding protein mglA'
2 non-polymer "GUANOSINE-5'-DIPHOSPHATE"
3 water water
#
_entity_poly.entity_id   1
_entity_poly.type   'polypeptide(L)'
_entity_poly.pdbx_seq_one_letter_code
;GS(MSE)STINFANREINFKIVYYGPGLSGKTTNLKWIYSKVPEGRKGE(MSE)VSLATEDERTLFFDFLPLDIGEVKGF
KTRFHLYTVPGQVFYNASRKLILRGVDGIVFVADSAPNRLRANAES(MSE)RN(MSE)RENLAEYGLTLDDVPIVIQVNK
RDLPDALPVE(MSE)VRAVVDPEGKFPVLEAVATEGKGVFETLKEVSRLVLARVAGGS
;
_entity_poly.pdbx_strand_id   A,B,C,D
#
loop_
_chem_comp.id
_chem_comp.type
_chem_comp.name
_chem_comp.formula
GDP RNA linking GUANOSINE-5'-DIPHOSPHATE 'C10 H15 N5 O11 P2'
#
# COMPACT_ATOMS: atom_id res chain seq x y z
N SER A 4 35.02 -16.25 22.32
CA SER A 4 33.86 -16.62 21.42
C SER A 4 34.19 -17.66 20.31
N THR A 5 35.35 -17.54 19.69
CA THR A 5 35.64 -18.39 18.56
C THR A 5 35.70 -19.89 18.96
N ILE A 6 36.27 -20.17 20.12
CA ILE A 6 36.28 -21.54 20.60
C ILE A 6 35.14 -21.76 21.61
N ASN A 7 34.21 -22.64 21.30
CA ASN A 7 33.18 -22.99 22.25
C ASN A 7 33.37 -24.44 22.73
N PHE A 8 33.98 -24.56 23.89
CA PHE A 8 34.25 -25.88 24.48
C PHE A 8 33.00 -26.69 24.82
N ALA A 9 31.94 -26.05 25.30
CA ALA A 9 30.72 -26.76 25.71
C ALA A 9 30.01 -27.50 24.55
N ASN A 10 29.99 -26.87 23.37
CA ASN A 10 29.43 -27.50 22.15
C ASN A 10 30.48 -28.13 21.28
N ARG A 11 31.74 -27.98 21.65
CA ARG A 11 32.84 -28.42 20.81
C ARG A 11 32.74 -27.89 19.35
N GLU A 12 32.58 -26.56 19.24
CA GLU A 12 32.59 -25.83 17.95
C GLU A 12 33.70 -24.74 17.86
N ILE A 13 34.25 -24.54 16.67
CA ILE A 13 35.05 -23.34 16.36
C ILE A 13 34.16 -22.48 15.44
N ASN A 14 33.99 -21.22 15.86
CA ASN A 14 33.16 -20.23 15.19
C ASN A 14 33.99 -19.22 14.39
N PHE A 15 33.67 -19.09 13.09
CA PHE A 15 34.21 -18.04 12.21
C PHE A 15 33.08 -17.12 11.68
N LYS A 16 33.39 -15.83 11.72
CA LYS A 16 32.52 -14.78 11.18
C LYS A 16 33.00 -14.31 9.78
N ILE A 17 32.07 -14.41 8.81
CA ILE A 17 32.29 -13.97 7.44
C ILE A 17 31.29 -12.82 7.17
N VAL A 18 31.79 -11.65 6.78
CA VAL A 18 30.95 -10.53 6.49
C VAL A 18 30.88 -10.31 4.97
N TYR A 19 29.65 -10.24 4.42
CA TYR A 19 29.42 -9.78 3.09
C TYR A 19 29.25 -8.27 3.16
N TYR A 20 30.06 -7.55 2.40
CA TYR A 20 30.12 -6.12 2.42
C TYR A 20 30.07 -5.70 0.96
N GLY A 21 29.73 -4.45 0.73
CA GLY A 21 29.60 -3.88 -0.62
C GLY A 21 28.50 -2.81 -0.64
N PRO A 22 28.33 -2.11 -1.78
CA PRO A 22 27.35 -1.01 -1.82
C PRO A 22 25.93 -1.59 -1.73
N GLY A 23 24.95 -0.75 -1.33
CA GLY A 23 23.59 -1.17 -1.19
C GLY A 23 23.11 -1.72 -2.51
N LEU A 24 22.39 -2.85 -2.43
CA LEU A 24 21.67 -3.48 -3.55
C LEU A 24 22.56 -4.19 -4.52
N SER A 25 23.77 -4.53 -4.09
CA SER A 25 24.71 -5.19 -4.98
C SER A 25 24.52 -6.72 -5.04
N GLY A 26 23.70 -7.28 -4.15
CA GLY A 26 23.43 -8.72 -4.09
C GLY A 26 23.86 -9.48 -2.83
N LYS A 27 24.02 -8.79 -1.70
CA LYS A 27 24.55 -9.42 -0.48
C LYS A 27 23.48 -10.32 0.19
N THR A 28 22.27 -9.78 0.34
CA THR A 28 21.12 -10.56 0.83
C THR A 28 20.89 -11.77 -0.04
N THR A 29 20.87 -11.56 -1.35
CA THR A 29 20.64 -12.65 -2.25
C THR A 29 21.66 -13.79 -2.04
N ASN A 30 22.93 -13.45 -1.80
CA ASN A 30 23.98 -14.44 -1.53
C ASN A 30 23.65 -15.19 -0.29
N LEU A 31 23.26 -14.45 0.74
CA LEU A 31 22.87 -15.03 2.00
C LEU A 31 21.64 -15.93 1.88
N LYS A 32 20.66 -15.54 1.07
CA LYS A 32 19.43 -16.37 0.96
C LYS A 32 19.71 -17.66 0.20
N TRP A 33 20.51 -17.56 -0.85
CA TRP A 33 20.94 -18.76 -1.57
CA TRP A 33 20.93 -18.76 -1.57
C TRP A 33 21.73 -19.71 -0.69
N ILE A 34 22.67 -19.18 0.09
CA ILE A 34 23.45 -20.12 0.86
C ILE A 34 22.52 -20.85 1.88
N TYR A 35 21.69 -20.06 2.57
CA TYR A 35 20.77 -20.55 3.56
C TYR A 35 19.81 -21.59 3.01
N SER A 36 19.30 -21.29 1.82
CA SER A 36 18.32 -22.15 1.20
C SER A 36 18.89 -23.55 0.89
N LYS A 37 20.22 -23.72 0.92
CA LYS A 37 20.86 -24.99 0.58
C LYS A 37 21.38 -25.78 1.75
N VAL A 38 21.40 -25.19 2.95
CA VAL A 38 21.88 -25.91 4.11
C VAL A 38 20.68 -26.69 4.67
N PRO A 39 20.89 -27.97 5.04
CA PRO A 39 19.88 -28.89 5.64
C PRO A 39 19.38 -28.41 7.00
N GLU A 40 18.11 -28.64 7.32
CA GLU A 40 17.55 -28.03 8.53
C GLU A 40 18.39 -28.28 9.80
N GLY A 41 19.01 -29.45 9.91
CA GLY A 41 19.77 -29.75 11.13
C GLY A 41 21.09 -29.04 11.26
N ARG A 42 21.51 -28.32 10.22
CA ARG A 42 22.85 -27.73 10.22
C ARG A 42 22.85 -26.18 10.28
N LYS A 43 21.68 -25.56 10.43
CA LYS A 43 21.62 -24.12 10.53
C LYS A 43 20.63 -23.61 11.57
N GLY A 44 20.92 -22.45 12.13
CA GLY A 44 20.00 -21.84 13.05
C GLY A 44 19.06 -20.93 12.30
N GLU A 45 18.63 -19.87 12.99
CA GLU A 45 17.64 -18.93 12.51
C GLU A 45 18.35 -17.87 11.68
N MSE A 46 17.70 -17.44 10.61
CA MSE A 46 18.12 -16.23 9.95
C MSE A 46 17.51 -15.10 10.72
O MSE A 46 16.30 -15.12 10.96
CB MSE A 46 17.61 -16.21 8.53
CG MSE A 46 18.01 -15.01 7.77
SE MSE A 46 17.72 -15.48 5.95
CE MSE A 46 19.56 -15.87 5.47
N VAL A 47 18.36 -14.15 11.10
CA VAL A 47 17.96 -12.98 11.92
C VAL A 47 18.15 -11.66 11.17
N SER A 48 17.06 -10.89 11.11
CA SER A 48 17.02 -9.59 10.45
C SER A 48 16.60 -8.46 11.41
N LEU A 49 17.47 -7.46 11.55
CA LEU A 49 17.24 -6.36 12.47
C LEU A 49 17.08 -5.05 11.69
N ALA A 50 16.11 -4.26 12.07
CA ALA A 50 15.85 -3.04 11.33
C ALA A 50 15.21 -1.95 12.20
N THR A 51 15.81 -0.77 12.14
CA THR A 51 15.16 0.42 12.72
C THR A 51 14.52 1.12 11.52
N GLU A 52 14.04 2.34 11.69
CA GLU A 52 13.50 3.04 10.49
C GLU A 52 14.64 3.33 9.51
N ASP A 53 15.87 3.47 10.06
CA ASP A 53 17.01 3.93 9.28
C ASP A 53 18.19 2.94 9.02
N GLU A 54 18.32 1.85 9.80
CA GLU A 54 19.44 0.91 9.71
C GLU A 54 18.98 -0.55 9.60
N ARG A 55 19.85 -1.42 9.09
CA ARG A 55 19.54 -2.85 8.87
C ARG A 55 20.73 -3.73 9.12
N THR A 56 20.48 -4.97 9.54
CA THR A 56 21.50 -6.02 9.56
C THR A 56 20.86 -7.39 9.44
N LEU A 57 21.66 -8.37 9.00
CA LEU A 57 21.13 -9.68 8.65
C LEU A 57 22.19 -10.71 8.83
N PHE A 58 21.85 -11.78 9.52
CA PHE A 58 22.83 -12.83 9.72
C PHE A 58 22.20 -14.21 10.02
N PHE A 59 23.03 -15.25 9.96
CA PHE A 59 22.65 -16.59 10.44
C PHE A 59 23.93 -17.41 10.58
N ASP A 60 23.83 -18.53 11.27
CA ASP A 60 24.99 -19.39 11.37
C ASP A 60 24.63 -20.78 10.84
N PHE A 61 25.67 -21.59 10.59
CA PHE A 61 25.46 -22.90 10.04
C PHE A 61 26.75 -23.72 10.08
N LEU A 62 26.61 -25.03 9.98
CA LEU A 62 27.75 -25.96 9.99
C LEU A 62 27.96 -26.46 8.58
N PRO A 63 28.99 -25.94 7.90
CA PRO A 63 29.27 -26.35 6.52
C PRO A 63 29.67 -27.80 6.53
N LEU A 64 29.07 -28.60 5.63
CA LEU A 64 29.41 -30.03 5.60
C LEU A 64 30.82 -30.20 5.12
N ASP A 65 31.29 -29.28 4.29
CA ASP A 65 32.60 -29.40 3.68
C ASP A 65 33.85 -29.28 4.58
N ILE A 66 33.71 -28.99 5.86
CA ILE A 66 34.88 -28.87 6.74
C ILE A 66 34.99 -30.05 7.71
N GLY A 67 36.21 -30.51 7.94
CA GLY A 67 36.46 -31.63 8.84
C GLY A 67 36.48 -31.29 10.32
N GLU A 68 36.67 -32.30 11.15
CA GLU A 68 36.53 -32.20 12.61
C GLU A 68 37.81 -32.47 13.40
N VAL A 69 38.48 -31.38 13.79
CA VAL A 69 39.68 -31.45 14.65
C VAL A 69 39.31 -31.71 16.10
N LYS A 70 39.98 -32.69 16.71
CA LYS A 70 39.83 -33.00 18.16
C LYS A 70 38.39 -33.14 18.63
N GLY A 71 37.45 -33.38 17.70
CA GLY A 71 36.03 -33.43 18.04
C GLY A 71 35.30 -32.10 17.82
N PHE A 72 36.01 -31.12 17.29
CA PHE A 72 35.42 -29.81 17.02
C PHE A 72 34.92 -29.67 15.60
N LYS A 73 33.63 -29.40 15.47
CA LYS A 73 33.07 -28.99 14.22
C LYS A 73 33.37 -27.49 14.07
N THR A 74 33.33 -27.00 12.83
CA THR A 74 33.46 -25.61 12.50
C THR A 74 32.05 -25.01 12.28
N ARG A 75 31.81 -23.79 12.75
CA ARG A 75 30.53 -23.12 12.47
C ARG A 75 30.82 -21.73 11.88
N PHE A 76 30.14 -21.45 10.77
CA PHE A 76 30.27 -20.17 10.09
C PHE A 76 29.08 -19.26 10.42
N HIS A 77 29.42 -18.02 10.72
CA HIS A 77 28.45 -17.02 11.02
C HIS A 77 28.54 -15.99 9.88
N LEU A 78 27.52 -15.94 9.05
CA LEU A 78 27.49 -14.97 7.90
C LEU A 78 26.70 -13.67 8.23
N TYR A 79 27.30 -12.52 7.97
CA TYR A 79 26.69 -11.24 8.31
C TYR A 79 26.71 -10.25 7.16
N THR A 80 25.66 -9.46 7.07
CA THR A 80 25.70 -8.32 6.19
C THR A 80 24.81 -7.13 6.65
N VAL A 81 25.08 -5.96 6.08
CA VAL A 81 24.19 -4.83 6.20
C VAL A 81 23.51 -4.76 4.84
N PRO A 82 22.22 -5.13 4.73
CA PRO A 82 21.43 -5.14 3.49
C PRO A 82 20.78 -3.81 3.17
N GLY A 83 20.54 -3.51 1.88
CA GLY A 83 19.75 -2.36 1.47
C GLY A 83 20.59 -1.09 1.34
N GLN A 84 19.95 0.03 1.07
CA GLN A 84 20.69 1.27 1.05
C GLN A 84 20.98 1.76 2.48
N VAL A 85 22.21 2.27 2.64
CA VAL A 85 22.74 2.73 3.91
C VAL A 85 22.56 4.27 4.02
N PHE A 86 22.08 4.70 5.16
CA PHE A 86 21.95 6.10 5.50
C PHE A 86 22.95 6.50 6.58
N TYR A 87 23.36 5.55 7.43
CA TYR A 87 24.33 5.77 8.52
C TYR A 87 25.43 4.73 8.49
N ASN A 88 26.65 5.13 8.79
CA ASN A 88 27.79 4.19 8.85
C ASN A 88 27.79 3.20 10.03
N ALA A 89 27.05 3.51 11.08
CA ALA A 89 27.08 2.73 12.34
C ALA A 89 27.06 1.19 12.17
N SER A 90 26.07 0.69 11.46
CA SER A 90 25.90 -0.75 11.34
C SER A 90 26.96 -1.37 10.42
N ARG A 91 27.54 -0.59 9.52
CA ARG A 91 28.70 -1.11 8.83
C ARG A 91 29.90 -1.27 9.70
N LYS A 92 30.06 -0.42 10.71
CA LYS A 92 31.28 -0.40 11.48
C LYS A 92 31.18 -1.61 12.37
N LEU A 93 30.01 -1.75 12.97
CA LEU A 93 29.67 -2.79 13.92
C LEU A 93 29.63 -4.18 13.26
N ILE A 94 29.06 -4.28 12.06
CA ILE A 94 29.13 -5.56 11.36
C ILE A 94 30.55 -6.16 11.29
N LEU A 95 31.60 -5.33 11.35
CA LEU A 95 32.97 -5.82 11.25
C LEU A 95 33.57 -6.24 12.56
N ARG A 96 32.83 -6.15 13.65
CA ARG A 96 33.36 -6.63 14.91
C ARG A 96 33.71 -8.13 14.85
N GLY A 97 34.93 -8.49 15.24
CA GLY A 97 35.40 -9.89 15.23
C GLY A 97 35.39 -10.66 13.91
N VAL A 98 35.53 -9.92 12.79
CA VAL A 98 35.48 -10.51 11.44
C VAL A 98 36.68 -11.37 11.17
N ASP A 99 36.44 -12.57 10.62
CA ASP A 99 37.51 -13.49 10.24
C ASP A 99 37.85 -13.41 8.73
N GLY A 100 36.82 -13.20 7.90
CA GLY A 100 37.04 -13.01 6.47
C GLY A 100 35.90 -12.22 5.86
N ILE A 101 36.16 -11.65 4.68
CA ILE A 101 35.24 -10.69 4.01
C ILE A 101 34.91 -11.05 2.58
N VAL A 102 33.65 -11.05 2.22
CA VAL A 102 33.34 -11.15 0.80
C VAL A 102 32.88 -9.78 0.37
N PHE A 103 33.60 -9.17 -0.58
CA PHE A 103 33.14 -7.93 -1.19
C PHE A 103 32.30 -8.20 -2.41
N VAL A 104 31.01 -7.87 -2.34
CA VAL A 104 30.06 -8.11 -3.43
C VAL A 104 29.91 -6.84 -4.24
N ALA A 105 30.67 -6.70 -5.31
CA ALA A 105 30.61 -5.51 -6.15
C ALA A 105 29.50 -5.61 -7.21
N ASP A 106 28.96 -4.48 -7.64
CA ASP A 106 27.84 -4.51 -8.58
C ASP A 106 28.42 -4.39 -10.00
N SER A 107 27.77 -4.98 -10.99
CA SER A 107 28.25 -4.85 -12.36
C SER A 107 27.67 -3.64 -13.07
N ALA A 108 26.57 -3.07 -12.56
CA ALA A 108 25.88 -2.02 -13.31
C ALA A 108 26.80 -0.81 -13.46
N PRO A 109 26.82 -0.20 -14.68
CA PRO A 109 27.72 0.92 -14.98
C PRO A 109 27.51 2.12 -14.06
N ASN A 110 26.27 2.39 -13.72
CA ASN A 110 25.98 3.49 -12.81
C ASN A 110 26.19 3.10 -11.33
N ARG A 111 26.72 1.91 -11.08
CA ARG A 111 27.05 1.54 -9.73
C ARG A 111 28.54 1.48 -9.53
N LEU A 112 29.29 1.96 -10.50
CA LEU A 112 30.76 1.88 -10.46
C LEU A 112 31.43 2.74 -9.35
N ARG A 113 30.93 3.97 -9.15
CA ARG A 113 31.41 4.80 -8.07
C ARG A 113 31.01 4.19 -6.71
N ALA A 114 29.77 3.74 -6.61
CA ALA A 114 29.27 3.15 -5.37
C ALA A 114 30.21 2.02 -4.90
N ASN A 115 30.72 1.22 -5.85
CA ASN A 115 31.70 0.17 -5.56
C ASN A 115 32.98 0.70 -4.93
N ALA A 116 33.62 1.64 -5.62
CA ALA A 116 34.73 2.48 -5.08
C ALA A 116 34.44 3.06 -3.70
N GLU A 117 33.29 3.73 -3.53
CA GLU A 117 32.96 4.39 -2.26
CA GLU A 117 32.91 4.38 -2.28
C GLU A 117 32.86 3.32 -1.16
N SER A 118 32.18 2.23 -1.45
CA SER A 118 31.97 1.19 -0.45
C SER A 118 33.29 0.54 0.04
N MSE A 119 34.24 0.39 -0.85
CA MSE A 119 35.55 -0.11 -0.51
C MSE A 119 36.44 0.89 0.31
O MSE A 119 37.24 0.49 1.18
CB MSE A 119 36.25 -0.57 -1.80
CG MSE A 119 37.67 -0.95 -1.59
SE MSE A 119 37.82 -2.68 -0.58
CE MSE A 119 37.28 -3.95 -1.97
N ARG A 120 36.28 2.18 0.05
CA ARG A 120 36.99 3.19 0.87
C ARG A 120 36.40 3.13 2.25
N ASN A 121 35.08 3.05 2.29
CA ASN A 121 34.38 2.97 3.55
C ASN A 121 34.77 1.70 4.42
N MSE A 122 34.85 0.53 3.81
CA MSE A 122 35.32 -0.70 4.47
C MSE A 122 36.76 -0.57 4.96
O MSE A 122 37.11 -0.99 6.08
CB MSE A 122 35.28 -1.85 3.46
CG MSE A 122 35.18 -3.24 4.11
SE MSE A 122 35.42 -4.73 2.88
CE MSE A 122 33.65 -4.90 2.14
N ARG A 123 37.61 0.01 4.14
CA ARG A 123 38.98 0.17 4.56
C ARG A 123 39.00 1.00 5.83
N GLU A 124 38.16 2.03 5.85
CA GLU A 124 38.10 2.98 6.96
C GLU A 124 37.44 2.37 8.21
N ASN A 125 36.39 1.60 8.00
CA ASN A 125 35.86 0.78 9.08
C ASN A 125 36.82 -0.27 9.65
N LEU A 126 37.58 -0.97 8.82
CA LEU A 126 38.64 -1.83 9.33
C LEU A 126 39.59 -1.06 10.20
N ALA A 127 40.05 0.10 9.71
CA ALA A 127 41.01 0.95 10.44
C ALA A 127 40.57 1.27 11.86
N GLU A 128 39.25 1.39 12.08
CA GLU A 128 38.73 1.59 13.40
C GLU A 128 39.15 0.47 14.31
N TYR A 129 39.34 -0.73 13.79
CA TYR A 129 39.73 -1.88 14.62
C TYR A 129 41.24 -2.18 14.56
N GLY A 130 42.03 -1.30 13.96
CA GLY A 130 43.46 -1.53 13.83
C GLY A 130 43.83 -2.50 12.71
N LEU A 131 42.90 -2.69 11.75
CA LEU A 131 43.10 -3.63 10.66
C LEU A 131 43.25 -2.91 9.35
N THR A 132 44.17 -3.37 8.49
CA THR A 132 44.30 -2.84 7.15
C THR A 132 43.66 -3.88 6.22
N LEU A 133 43.61 -3.59 4.93
CA LEU A 133 43.14 -4.58 3.98
C LEU A 133 44.05 -5.82 3.87
N ASP A 134 45.30 -5.77 4.31
CA ASP A 134 46.15 -6.98 4.25
C ASP A 134 45.82 -7.95 5.40
N ASP A 135 45.27 -7.45 6.50
CA ASP A 135 45.15 -8.29 7.72
C ASP A 135 43.98 -9.26 7.75
N VAL A 136 43.10 -9.15 6.74
CA VAL A 136 41.86 -9.88 6.71
C VAL A 136 41.72 -10.46 5.33
N PRO A 137 41.43 -11.76 5.24
CA PRO A 137 41.12 -12.39 3.97
C PRO A 137 39.95 -11.68 3.29
N ILE A 138 40.16 -11.14 2.10
CA ILE A 138 39.10 -10.51 1.33
C ILE A 138 38.90 -11.17 -0.04
N VAL A 139 37.65 -11.49 -0.35
CA VAL A 139 37.38 -12.04 -1.66
C VAL A 139 36.44 -11.12 -2.38
N ILE A 140 36.75 -10.75 -3.63
CA ILE A 140 35.86 -9.93 -4.44
C ILE A 140 34.89 -10.78 -5.26
N GLN A 141 33.60 -10.54 -5.11
CA GLN A 141 32.65 -11.14 -5.99
C GLN A 141 32.04 -10.05 -6.86
N VAL A 142 32.23 -10.20 -8.16
CA VAL A 142 31.74 -9.29 -9.10
C VAL A 142 30.38 -9.89 -9.50
N ASN A 143 29.32 -9.31 -8.96
CA ASN A 143 27.98 -9.88 -9.09
C ASN A 143 27.25 -9.32 -10.31
N LYS A 144 26.18 -10.01 -10.73
CA LYS A 144 25.32 -9.54 -11.84
C LYS A 144 26.04 -9.55 -13.17
N ARG A 145 26.58 -10.73 -13.52
CA ARG A 145 27.35 -10.86 -14.76
C ARG A 145 26.40 -10.87 -15.96
N ASP A 146 25.08 -11.02 -15.68
CA ASP A 146 24.03 -11.20 -16.69
C ASP A 146 23.46 -9.94 -17.29
N LEU A 147 23.43 -8.87 -16.52
CA LEU A 147 22.79 -7.68 -17.04
C LEU A 147 23.55 -7.15 -18.29
N PRO A 148 22.79 -6.70 -19.29
CA PRO A 148 23.22 -6.32 -20.66
C PRO A 148 24.41 -5.34 -20.72
N ASP A 149 24.29 -4.19 -20.04
CA ASP A 149 25.35 -3.18 -20.09
C ASP A 149 26.41 -3.43 -19.02
N ALA A 150 26.53 -4.69 -18.58
CA ALA A 150 27.44 -5.08 -17.52
C ALA A 150 28.89 -4.77 -17.85
N LEU A 151 29.52 -3.93 -17.01
CA LEU A 151 30.92 -3.60 -17.25
C LEU A 151 31.84 -4.83 -17.19
N PRO A 152 32.99 -4.77 -17.88
CA PRO A 152 33.91 -5.94 -17.81
C PRO A 152 34.55 -6.13 -16.43
N VAL A 153 34.67 -7.39 -16.03
CA VAL A 153 35.19 -7.73 -14.73
C VAL A 153 36.40 -6.87 -14.34
N GLU A 154 37.30 -6.60 -15.29
CA GLU A 154 38.57 -5.90 -14.94
C GLU A 154 38.38 -4.43 -14.65
N MSE A 155 37.32 -3.86 -15.17
CA MSE A 155 36.99 -2.48 -14.90
C MSE A 155 36.44 -2.30 -13.49
O MSE A 155 36.79 -1.36 -12.79
CB MSE A 155 35.97 -1.93 -15.90
CG MSE A 155 35.74 -0.43 -15.76
SE MSE A 155 34.86 0.28 -17.37
CE MSE A 155 36.41 0.12 -18.61
N VAL A 156 35.59 -3.22 -13.07
CA VAL A 156 35.12 -3.28 -11.69
C VAL A 156 36.30 -3.54 -10.74
N ARG A 157 37.02 -4.64 -10.97
CA ARG A 157 38.24 -4.98 -10.22
C ARG A 157 39.23 -3.83 -10.17
N ALA A 158 39.30 -3.06 -11.25
CA ALA A 158 40.18 -1.88 -11.30
C ALA A 158 39.85 -0.87 -10.23
N VAL A 159 38.57 -0.61 -9.99
CA VAL A 159 38.24 0.37 -8.94
C VAL A 159 38.16 -0.17 -7.49
N VAL A 160 38.03 -1.48 -7.27
CA VAL A 160 37.97 -1.97 -5.89
C VAL A 160 39.28 -2.56 -5.40
N ASP A 161 40.09 -3.09 -6.33
CA ASP A 161 41.35 -3.79 -6.02
C ASP A 161 42.42 -3.44 -7.09
N PRO A 162 42.81 -2.16 -7.17
CA PRO A 162 43.68 -1.67 -8.26
C PRO A 162 45.07 -2.35 -8.31
N GLU A 163 45.51 -2.92 -7.21
CA GLU A 163 46.76 -3.66 -7.15
C GLU A 163 46.65 -5.17 -7.39
N GLY A 164 45.47 -5.69 -7.68
CA GLY A 164 45.30 -7.13 -7.94
C GLY A 164 45.63 -8.07 -6.78
N LYS A 165 45.45 -7.63 -5.53
CA LYS A 165 45.83 -8.36 -4.31
C LYS A 165 44.82 -9.44 -3.86
N PHE A 166 43.58 -9.40 -4.35
CA PHE A 166 42.54 -10.26 -3.81
C PHE A 166 41.98 -11.19 -4.88
N PRO A 167 41.57 -12.41 -4.49
CA PRO A 167 40.90 -13.32 -5.40
C PRO A 167 39.63 -12.67 -5.88
N VAL A 168 39.29 -12.86 -7.15
CA VAL A 168 38.09 -12.27 -7.73
C VAL A 168 37.26 -13.39 -8.37
N LEU A 169 35.94 -13.26 -8.37
CA LEU A 169 35.05 -14.31 -8.92
C LEU A 169 33.81 -13.68 -9.46
N GLU A 170 33.24 -14.30 -10.48
CA GLU A 170 32.06 -13.76 -11.11
C GLU A 170 30.86 -14.44 -10.47
N ALA A 171 29.72 -13.77 -10.47
CA ALA A 171 28.49 -14.34 -9.97
C ALA A 171 27.23 -13.78 -10.68
N VAL A 172 26.14 -14.52 -10.55
CA VAL A 172 24.79 -14.06 -10.85
C VAL A 172 24.03 -14.69 -9.71
N ALA A 173 23.87 -13.92 -8.65
CA ALA A 173 23.50 -14.44 -7.34
C ALA A 173 22.02 -14.82 -7.27
N THR A 174 21.20 -14.19 -8.13
CA THR A 174 19.78 -14.58 -8.24
C THR A 174 19.65 -16.02 -8.72
N GLU A 175 20.73 -16.55 -9.32
CA GLU A 175 20.71 -17.88 -9.88
C GLU A 175 21.71 -18.82 -9.25
N GLY A 176 22.42 -18.37 -8.22
CA GLY A 176 23.35 -19.26 -7.49
C GLY A 176 24.77 -19.37 -8.07
N LYS A 177 24.96 -18.89 -9.30
CA LYS A 177 26.26 -18.95 -9.93
C LYS A 177 27.26 -18.04 -9.21
N GLY A 178 28.38 -18.64 -8.81
CA GLY A 178 29.47 -17.95 -8.17
C GLY A 178 29.30 -17.94 -6.66
N VAL A 179 28.09 -18.23 -6.18
CA VAL A 179 27.77 -18.06 -4.75
C VAL A 179 28.58 -18.93 -3.81
N PHE A 180 28.61 -20.23 -4.09
CA PHE A 180 29.35 -21.23 -3.29
C PHE A 180 30.83 -21.36 -3.56
N GLU A 181 31.22 -21.09 -4.80
CA GLU A 181 32.61 -20.87 -5.14
C GLU A 181 33.19 -19.67 -4.31
N THR A 182 32.41 -18.60 -4.17
CA THR A 182 32.89 -17.45 -3.42
C THR A 182 33.06 -17.76 -1.94
N LEU A 183 32.02 -18.36 -1.36
CA LEU A 183 32.11 -18.86 0.00
C LEU A 183 33.25 -19.85 0.16
N LYS A 184 33.38 -20.80 -0.75
CA LYS A 184 34.48 -21.76 -0.68
C LYS A 184 35.89 -21.08 -0.69
N GLU A 185 36.03 -20.05 -1.54
CA GLU A 185 37.24 -19.25 -1.60
C GLU A 185 37.53 -18.45 -0.31
N VAL A 186 36.57 -17.71 0.21
CA VAL A 186 36.88 -17.01 1.47
C VAL A 186 37.20 -17.98 2.66
N SER A 187 36.43 -19.05 2.79
CA SER A 187 36.74 -20.13 3.76
C SER A 187 38.14 -20.69 3.65
N ARG A 188 38.57 -21.04 2.43
CA ARG A 188 39.91 -21.57 2.23
C ARG A 188 40.95 -20.65 2.89
N LEU A 189 40.78 -19.35 2.63
CA LEU A 189 41.65 -18.31 3.16
C LEU A 189 41.60 -18.23 4.68
N VAL A 190 40.40 -18.34 5.24
CA VAL A 190 40.27 -18.23 6.67
C VAL A 190 40.97 -19.43 7.31
N LEU A 191 40.72 -20.64 6.80
CA LEU A 191 41.28 -21.85 7.41
C LEU A 191 42.81 -21.89 7.26
N ALA A 192 43.30 -21.40 6.13
CA ALA A 192 44.74 -21.31 5.88
C ALA A 192 45.49 -20.50 6.93
N ARG A 193 44.81 -19.59 7.62
CA ARG A 193 45.44 -18.79 8.68
C ARG A 193 45.52 -19.54 10.01
N VAL A 194 44.60 -20.48 10.21
CA VAL A 194 44.55 -21.21 11.47
C VAL A 194 45.61 -22.33 11.51
N ALA A 195 45.99 -22.84 10.35
CA ALA A 195 47.20 -23.65 10.22
C ALA A 195 48.47 -22.79 10.24
N SER B 4 9.18 -11.22 32.79
CA SER B 4 10.03 -10.03 33.07
C SER B 4 9.19 -8.77 32.86
N THR B 5 7.94 -8.84 33.32
CA THR B 5 7.00 -7.74 33.21
C THR B 5 7.50 -6.50 33.89
N ILE B 6 7.97 -6.65 35.12
CA ILE B 6 8.53 -5.50 35.85
C ILE B 6 10.02 -5.40 35.67
N ASN B 7 10.46 -4.24 35.20
CA ASN B 7 11.88 -3.97 34.99
C ASN B 7 12.31 -2.83 35.96
N PHE B 8 12.99 -3.17 37.05
CA PHE B 8 13.34 -2.07 37.98
C PHE B 8 14.53 -1.20 37.49
N ALA B 9 15.52 -1.79 36.83
CA ALA B 9 16.64 -1.03 36.28
C ALA B 9 16.15 0.18 35.45
N ASN B 10 15.39 -0.05 34.39
CA ASN B 10 14.97 1.06 33.53
C ASN B 10 13.67 1.69 34.00
N ARG B 11 13.06 1.08 35.00
CA ARG B 11 11.78 1.54 35.54
C ARG B 11 10.64 1.46 34.48
N GLU B 12 10.58 0.32 33.78
CA GLU B 12 9.50 0.06 32.84
C GLU B 12 8.60 -1.09 33.29
N ILE B 13 7.33 -0.99 32.89
CA ILE B 13 6.40 -2.08 32.94
C ILE B 13 6.13 -2.52 31.50
N ASN B 14 6.32 -3.81 31.25
CA ASN B 14 6.30 -4.36 29.90
C ASN B 14 5.07 -5.22 29.72
N PHE B 15 4.32 -4.94 28.65
CA PHE B 15 3.19 -5.74 28.21
C PHE B 15 3.44 -6.29 26.80
N LYS B 16 2.93 -7.50 26.61
CA LYS B 16 3.01 -8.16 25.31
C LYS B 16 1.62 -8.19 24.62
N ILE B 17 1.57 -7.64 23.42
CA ILE B 17 0.38 -7.71 22.60
C ILE B 17 0.69 -8.65 21.44
N VAL B 18 -0.12 -9.71 21.31
CA VAL B 18 0.07 -10.64 20.21
C VAL B 18 -1.00 -10.38 19.13
N TYR B 19 -0.49 -10.19 17.93
CA TYR B 19 -1.29 -10.09 16.76
C TYR B 19 -1.35 -11.51 16.18
N TYR B 20 -2.55 -12.08 16.22
CA TYR B 20 -2.79 -13.42 15.72
C TYR B 20 -3.81 -13.38 14.57
N GLY B 21 -3.86 -14.44 13.77
CA GLY B 21 -4.86 -14.67 12.76
C GLY B 21 -4.31 -15.46 11.60
N PRO B 22 -5.12 -15.61 10.54
CA PRO B 22 -4.65 -16.49 9.44
C PRO B 22 -3.44 -15.94 8.63
N GLY B 23 -2.64 -16.84 8.05
CA GLY B 23 -1.65 -16.48 7.03
C GLY B 23 -2.10 -15.31 6.16
N LEU B 24 -1.22 -14.31 6.03
CA LEU B 24 -1.41 -13.19 5.08
C LEU B 24 -2.72 -12.46 5.21
N SER B 25 -3.23 -12.34 6.45
CA SER B 25 -4.32 -11.36 6.71
C SER B 25 -3.90 -9.89 7.00
N GLY B 26 -2.62 -9.64 7.23
CA GLY B 26 -2.14 -8.25 7.41
C GLY B 26 -1.62 -7.91 8.79
N LYS B 27 -1.10 -8.95 9.46
CA LYS B 27 -0.51 -8.76 10.80
C LYS B 27 0.83 -8.05 10.69
N THR B 28 1.66 -8.45 9.74
CA THR B 28 2.91 -7.74 9.47
C THR B 28 2.63 -6.29 9.12
N THR B 29 1.51 -6.07 8.42
CA THR B 29 1.16 -4.76 7.89
C THR B 29 0.77 -3.82 9.02
N ASN B 30 -0.13 -4.26 9.90
CA ASN B 30 -0.41 -3.53 11.15
C ASN B 30 0.85 -3.12 11.88
N LEU B 31 1.70 -4.07 12.22
CA LEU B 31 2.91 -3.77 12.97
C LEU B 31 3.80 -2.78 12.26
N LYS B 32 3.94 -2.91 10.93
CA LYS B 32 4.84 -2.05 10.20
C LYS B 32 4.29 -0.61 10.14
N TRP B 33 2.97 -0.46 10.19
CA TRP B 33 2.38 0.88 10.20
CA TRP B 33 2.37 0.87 10.19
C TRP B 33 2.55 1.55 11.55
N ILE B 34 2.34 0.79 12.61
CA ILE B 34 2.56 1.27 13.96
C ILE B 34 4.01 1.71 14.14
N TYR B 35 4.96 0.83 13.80
CA TYR B 35 6.39 1.13 13.93
C TYR B 35 6.83 2.39 13.17
N SER B 36 6.26 2.60 12.01
CA SER B 36 6.63 3.71 11.16
C SER B 36 6.11 5.03 11.73
N LYS B 37 5.19 4.98 12.71
CA LYS B 37 4.63 6.21 13.32
C LYS B 37 5.14 6.53 14.74
N VAL B 38 5.92 5.63 15.32
CA VAL B 38 6.52 5.87 16.61
C VAL B 38 7.82 6.65 16.40
N PRO B 39 8.04 7.72 17.17
CA PRO B 39 9.32 8.47 17.18
C PRO B 39 10.54 7.58 17.46
N GLU B 40 11.62 7.85 16.72
CA GLU B 40 12.86 7.11 16.81
C GLU B 40 13.37 6.78 18.25
N GLY B 41 13.28 7.74 19.18
CA GLY B 41 13.73 7.50 20.53
C GLY B 41 12.78 6.64 21.35
N ARG B 42 11.60 6.35 20.82
CA ARG B 42 10.62 5.65 21.66
C ARG B 42 10.40 4.18 21.27
N LYS B 43 11.26 3.64 20.42
CA LYS B 43 11.17 2.27 19.97
C LYS B 43 12.55 1.65 19.76
N GLY B 44 12.64 0.33 19.98
CA GLY B 44 13.81 -0.45 19.59
C GLY B 44 13.77 -0.89 18.14
N GLU B 45 14.51 -1.97 17.85
CA GLU B 45 14.53 -2.52 16.50
C GLU B 45 13.34 -3.43 16.28
N MSE B 46 12.97 -3.55 15.02
CA MSE B 46 12.14 -4.62 14.60
C MSE B 46 13.01 -5.82 14.34
O MSE B 46 14.12 -5.70 13.78
CB MSE B 46 11.45 -4.25 13.33
CG MSE B 46 10.12 -4.83 13.33
SE MSE B 46 9.09 -4.22 11.86
CE MSE B 46 9.98 -2.53 11.30
N VAL B 47 12.53 -6.98 14.76
CA VAL B 47 13.32 -8.22 14.71
C VAL B 47 12.53 -9.26 13.93
N SER B 48 13.17 -9.78 12.89
CA SER B 48 12.59 -10.79 12.04
C SER B 48 13.39 -12.11 12.17
N LEU B 49 12.73 -13.14 12.60
CA LEU B 49 13.36 -14.45 12.75
C LEU B 49 12.72 -15.38 11.77
N ALA B 50 13.56 -16.04 10.96
CA ALA B 50 13.06 -17.05 10.05
C ALA B 50 14.01 -18.21 9.74
N THR B 51 13.39 -19.38 9.58
CA THR B 51 13.97 -20.55 9.00
C THR B 51 13.19 -20.79 7.71
N GLU B 52 13.49 -21.91 7.04
CA GLU B 52 12.69 -22.41 5.89
C GLU B 52 11.18 -22.41 6.08
N ASP B 53 10.70 -22.78 7.27
CA ASP B 53 9.26 -23.02 7.45
C ASP B 53 8.65 -22.44 8.75
N GLU B 54 9.38 -21.55 9.42
CA GLU B 54 8.89 -20.86 10.59
C GLU B 54 9.36 -19.39 10.53
N ARG B 55 8.55 -18.50 11.10
CA ARG B 55 8.75 -17.06 11.10
C ARG B 55 8.24 -16.44 12.41
N THR B 56 8.72 -15.24 12.73
CA THR B 56 8.37 -14.57 13.95
C THR B 56 8.85 -13.14 13.81
N LEU B 57 7.96 -12.20 14.09
CA LEU B 57 8.26 -10.77 14.01
C LEU B 57 7.85 -10.04 15.27
N PHE B 58 8.76 -9.19 15.79
CA PHE B 58 8.41 -8.35 16.94
C PHE B 58 9.18 -7.05 17.03
N PHE B 59 8.67 -6.16 17.90
CA PHE B 59 9.36 -4.94 18.28
C PHE B 59 8.72 -4.38 19.51
N ASP B 60 9.37 -3.36 20.07
CA ASP B 60 8.90 -2.78 21.31
C ASP B 60 8.96 -1.24 21.30
N PHE B 61 8.13 -0.62 22.13
CA PHE B 61 7.98 0.84 22.08
C PHE B 61 7.23 1.39 23.26
N LEU B 62 7.55 2.65 23.55
CA LEU B 62 6.90 3.44 24.61
C LEU B 62 5.74 4.19 24.01
N PRO B 63 4.51 3.70 24.26
CA PRO B 63 3.36 4.47 23.79
C PRO B 63 3.36 5.78 24.54
N LEU B 64 3.02 6.86 23.84
CA LEU B 64 3.08 8.19 24.44
C LEU B 64 1.70 8.67 24.87
N ASP B 65 0.74 7.75 24.92
CA ASP B 65 -0.61 8.12 25.33
C ASP B 65 -0.97 7.46 26.67
N ILE B 66 0.04 7.02 27.41
CA ILE B 66 -0.17 6.19 28.58
C ILE B 66 0.46 6.87 29.75
N GLY B 67 -0.18 6.74 30.94
CA GLY B 67 0.40 7.27 32.19
C GLY B 67 1.38 6.36 32.92
N GLU B 68 2.03 6.91 33.95
CA GLU B 68 3.12 6.22 34.64
C GLU B 68 2.67 5.72 35.98
N VAL B 69 1.92 4.61 35.97
CA VAL B 69 1.47 3.99 37.23
C VAL B 69 2.65 3.71 38.19
N LYS B 70 2.78 4.53 39.25
CA LYS B 70 3.86 4.39 40.29
C LYS B 70 5.28 4.81 39.86
N GLY B 71 5.40 5.66 38.84
CA GLY B 71 6.75 6.08 38.41
C GLY B 71 7.32 5.17 37.31
N PHE B 72 6.58 4.12 36.97
CA PHE B 72 7.03 3.18 35.92
C PHE B 72 6.53 3.55 34.50
N LYS B 73 7.46 3.78 33.56
CA LYS B 73 7.09 3.82 32.12
C LYS B 73 6.51 2.49 31.57
N THR B 74 5.44 2.61 30.76
CA THR B 74 4.78 1.48 30.12
C THR B 74 5.44 1.19 28.77
N ARG B 75 5.92 -0.05 28.60
CA ARG B 75 6.48 -0.46 27.33
C ARG B 75 5.63 -1.58 26.66
N PHE B 76 5.37 -1.42 25.38
CA PHE B 76 4.52 -2.38 24.67
C PHE B 76 5.41 -3.20 23.78
N HIS B 77 5.24 -4.52 23.83
CA HIS B 77 5.94 -5.43 22.95
C HIS B 77 4.94 -6.10 22.01
N LEU B 78 5.13 -5.96 20.69
CA LEU B 78 4.14 -6.43 19.71
C LEU B 78 4.78 -7.57 18.99
N TYR B 79 4.04 -8.67 18.88
CA TYR B 79 4.60 -9.95 18.47
C TYR B 79 3.65 -10.56 17.49
N THR B 80 4.20 -11.16 16.46
CA THR B 80 3.35 -11.92 15.55
C THR B 80 4.14 -12.98 14.76
N VAL B 81 3.41 -13.94 14.23
CA VAL B 81 3.95 -15.00 13.43
C VAL B 81 3.43 -14.68 11.99
N PRO B 82 4.24 -14.02 11.13
CA PRO B 82 3.83 -13.62 9.76
C PRO B 82 3.92 -14.73 8.71
N GLY B 83 3.09 -14.67 7.67
CA GLY B 83 3.22 -15.61 6.53
C GLY B 83 2.40 -16.88 6.65
N GLN B 84 2.54 -17.75 5.66
CA GLN B 84 1.84 -19.03 5.80
C GLN B 84 2.57 -19.88 6.82
N VAL B 85 1.79 -20.50 7.68
CA VAL B 85 2.36 -21.28 8.76
C VAL B 85 2.40 -22.71 8.27
N PHE B 86 3.54 -23.34 8.42
CA PHE B 86 3.68 -24.72 8.12
C PHE B 86 3.58 -25.57 9.38
N TYR B 87 3.89 -24.97 10.52
CA TYR B 87 3.96 -25.69 11.80
C TYR B 87 3.41 -24.84 12.88
N ASN B 88 2.93 -25.49 13.91
CA ASN B 88 2.27 -24.79 14.97
C ASN B 88 3.24 -24.23 16.01
N ALA B 89 4.46 -24.74 16.10
CA ALA B 89 5.35 -24.40 17.21
C ALA B 89 5.49 -22.89 17.47
N SER B 90 5.69 -22.09 16.40
CA SER B 90 5.81 -20.63 16.49
C SER B 90 4.54 -19.92 17.01
N ARG B 91 3.36 -20.40 16.66
CA ARG B 91 2.12 -19.86 17.19
C ARG B 91 1.90 -20.17 18.68
N LYS B 92 2.43 -21.30 19.11
CA LYS B 92 2.24 -21.67 20.50
C LYS B 92 3.20 -20.79 21.30
N LEU B 93 4.45 -20.73 20.89
CA LEU B 93 5.49 -19.90 21.52
C LEU B 93 5.17 -18.39 21.52
N ILE B 94 4.72 -17.82 20.41
CA ILE B 94 4.28 -16.41 20.39
C ILE B 94 3.31 -16.06 21.55
N LEU B 95 2.52 -17.02 22.05
CA LEU B 95 1.53 -16.74 23.11
C LEU B 95 2.05 -16.79 24.55
N ARG B 96 3.30 -17.23 24.74
CA ARG B 96 4.00 -17.19 26.05
C ARG B 96 3.94 -15.80 26.65
N GLY B 97 3.24 -15.67 27.78
CA GLY B 97 3.27 -14.42 28.52
C GLY B 97 2.40 -13.31 27.89
N VAL B 98 1.48 -13.67 27.01
CA VAL B 98 0.67 -12.64 26.33
C VAL B 98 -0.14 -11.83 27.35
N ASP B 99 -0.35 -10.53 27.08
CA ASP B 99 -1.26 -9.74 27.91
C ASP B 99 -2.51 -9.37 27.19
N GLY B 100 -2.44 -9.25 25.87
CA GLY B 100 -3.61 -8.94 25.03
C GLY B 100 -3.35 -9.43 23.60
N ILE B 101 -4.46 -9.61 22.88
CA ILE B 101 -4.42 -10.14 21.53
C ILE B 101 -5.21 -9.30 20.54
N VAL B 102 -4.57 -8.98 19.43
CA VAL B 102 -5.33 -8.55 18.27
C VAL B 102 -5.49 -9.70 17.27
N PHE B 103 -6.73 -10.07 16.97
CA PHE B 103 -6.96 -11.02 15.92
C PHE B 103 -7.33 -10.33 14.58
N VAL B 104 -6.44 -10.47 13.60
CA VAL B 104 -6.56 -9.84 12.30
C VAL B 104 -7.24 -10.84 11.32
N ALA B 105 -8.56 -10.74 11.20
CA ALA B 105 -9.32 -11.54 10.24
C ALA B 105 -9.25 -10.93 8.81
N ASP B 106 -9.14 -11.80 7.81
CA ASP B 106 -9.10 -11.42 6.41
C ASP B 106 -10.56 -11.35 5.91
N SER B 107 -10.85 -10.44 4.98
CA SER B 107 -12.24 -10.20 4.56
C SER B 107 -12.60 -10.99 3.30
N ALA B 108 -11.56 -11.54 2.66
CA ALA B 108 -11.74 -12.25 1.45
C ALA B 108 -12.62 -13.51 1.68
N PRO B 109 -13.76 -13.63 0.94
CA PRO B 109 -14.65 -14.82 1.07
C PRO B 109 -13.88 -16.13 1.23
N ASN B 110 -12.84 -16.32 0.44
CA ASN B 110 -12.05 -17.56 0.47
C ASN B 110 -10.93 -17.63 1.56
N ARG B 111 -11.07 -16.79 2.58
CA ARG B 111 -10.21 -16.87 3.76
C ARG B 111 -11.13 -16.96 4.97
N LEU B 112 -12.41 -17.20 4.69
CA LEU B 112 -13.38 -17.25 5.73
C LEU B 112 -13.22 -18.50 6.58
N ARG B 113 -13.02 -19.65 5.92
CA ARG B 113 -12.64 -20.92 6.57
C ARG B 113 -11.37 -20.74 7.45
N ALA B 114 -10.29 -20.29 6.82
CA ALA B 114 -9.07 -19.85 7.46
C ALA B 114 -9.24 -19.04 8.74
N ASN B 115 -10.12 -18.04 8.77
CA ASN B 115 -10.37 -17.29 10.00
C ASN B 115 -10.88 -18.19 11.12
N ALA B 116 -11.78 -19.11 10.75
CA ALA B 116 -12.37 -20.01 11.73
C ALA B 116 -11.28 -20.89 12.31
N GLU B 117 -10.49 -21.44 11.40
CA GLU B 117 -9.39 -22.32 11.69
CA GLU B 117 -9.39 -22.32 11.72
C GLU B 117 -8.42 -21.62 12.68
N SER B 118 -7.95 -20.44 12.27
CA SER B 118 -7.03 -19.70 13.06
C SER B 118 -7.55 -19.34 14.46
N MSE B 119 -8.83 -19.05 14.60
CA MSE B 119 -9.41 -18.86 15.95
C MSE B 119 -9.47 -20.17 16.81
O MSE B 119 -9.23 -20.13 18.00
CB MSE B 119 -10.77 -18.16 15.85
CG MSE B 119 -11.47 -17.90 17.14
SE MSE B 119 -10.54 -16.82 18.52
CE MSE B 119 -10.66 -15.01 17.70
N ARG B 120 -9.77 -21.31 16.21
CA ARG B 120 -9.77 -22.56 16.99
C ARG B 120 -8.34 -22.86 17.42
N ASN B 121 -7.42 -22.66 16.50
CA ASN B 121 -6.04 -22.88 16.72
C ASN B 121 -5.52 -22.06 17.90
N MSE B 122 -5.94 -20.80 17.93
CA MSE B 122 -5.58 -19.91 19.00
C MSE B 122 -6.14 -20.37 20.36
O MSE B 122 -5.48 -20.21 21.41
CB MSE B 122 -6.07 -18.48 18.67
CG MSE B 122 -5.37 -17.39 19.47
SE MSE B 122 -6.16 -15.58 19.27
CE MSE B 122 -7.73 -15.56 20.44
N ARG B 123 -7.38 -20.85 20.36
CA ARG B 123 -8.04 -21.29 21.56
C ARG B 123 -7.28 -22.49 22.09
N GLU B 124 -6.91 -23.37 21.18
CA GLU B 124 -6.14 -24.52 21.54
C GLU B 124 -4.76 -24.15 22.06
N ASN B 125 -4.09 -23.17 21.46
CA ASN B 125 -2.78 -22.79 21.96
C ASN B 125 -2.87 -22.10 23.33
N LEU B 126 -3.93 -21.33 23.53
CA LEU B 126 -4.16 -20.68 24.80
C LEU B 126 -4.42 -21.71 25.90
N ALA B 127 -5.09 -22.79 25.55
CA ALA B 127 -5.34 -23.85 26.55
C ALA B 127 -4.06 -24.49 27.07
N GLU B 128 -3.04 -24.60 26.22
CA GLU B 128 -1.75 -25.15 26.59
C GLU B 128 -1.21 -24.45 27.80
N TYR B 129 -1.45 -23.13 27.89
CA TYR B 129 -1.01 -22.31 29.02
C TYR B 129 -1.98 -22.17 30.14
N GLY B 130 -3.10 -22.92 30.17
CA GLY B 130 -4.09 -22.75 31.26
C GLY B 130 -5.17 -21.67 30.98
N LEU B 131 -5.15 -21.06 29.80
CA LEU B 131 -6.02 -19.91 29.54
C LEU B 131 -7.18 -20.21 28.57
N THR B 132 -8.35 -19.61 28.80
CA THR B 132 -9.47 -19.69 27.85
C THR B 132 -9.44 -18.37 27.08
N LEU B 133 -10.36 -18.20 26.12
CA LEU B 133 -10.61 -16.91 25.47
C LEU B 133 -11.14 -15.84 26.41
N ASP B 134 -11.72 -16.24 27.54
CA ASP B 134 -12.22 -15.25 28.49
C ASP B 134 -11.05 -14.61 29.29
N ASP B 135 -9.92 -15.27 29.39
CA ASP B 135 -8.90 -14.84 30.34
C ASP B 135 -7.95 -13.79 29.83
N VAL B 136 -8.11 -13.36 28.59
CA VAL B 136 -7.16 -12.46 27.98
C VAL B 136 -7.94 -11.50 27.09
N PRO B 137 -7.70 -10.21 27.27
CA PRO B 137 -8.42 -9.24 26.42
C PRO B 137 -8.13 -9.50 24.93
N ILE B 138 -9.20 -9.59 24.12
CA ILE B 138 -9.11 -9.81 22.70
C ILE B 138 -9.96 -8.81 21.91
N VAL B 139 -9.42 -8.29 20.82
CA VAL B 139 -10.08 -7.31 19.98
C VAL B 139 -10.04 -7.95 18.63
N ILE B 140 -11.14 -7.96 17.87
CA ILE B 140 -11.09 -8.49 16.49
C ILE B 140 -10.88 -7.33 15.52
N GLN B 141 -9.93 -7.50 14.60
CA GLN B 141 -9.77 -6.60 13.49
C GLN B 141 -10.18 -7.26 12.14
N VAL B 142 -11.26 -6.80 11.52
CA VAL B 142 -11.62 -7.31 10.19
C VAL B 142 -10.94 -6.39 9.16
N ASN B 143 -9.93 -6.93 8.51
CA ASN B 143 -9.03 -6.12 7.73
C ASN B 143 -9.35 -6.29 6.22
N LYS B 144 -8.85 -5.35 5.40
CA LYS B 144 -8.98 -5.52 3.94
C LYS B 144 -10.42 -5.26 3.54
N ARG B 145 -11.10 -4.42 4.31
CA ARG B 145 -12.36 -3.80 3.92
C ARG B 145 -12.43 -3.21 2.50
N ASP B 146 -11.28 -3.02 1.85
CA ASP B 146 -11.18 -2.38 0.54
C ASP B 146 -11.33 -3.36 -0.63
N LEU B 147 -11.56 -4.64 -0.34
CA LEU B 147 -11.69 -5.65 -1.41
C LEU B 147 -13.10 -5.58 -1.98
N PRO B 148 -13.22 -5.71 -3.30
CA PRO B 148 -14.56 -5.75 -3.93
C PRO B 148 -15.38 -6.92 -3.38
N ASP B 149 -14.78 -8.12 -3.35
CA ASP B 149 -15.41 -9.27 -2.69
C ASP B 149 -15.68 -9.11 -1.16
N ALA B 150 -15.13 -8.08 -0.51
CA ALA B 150 -15.30 -7.93 0.95
C ALA B 150 -16.63 -8.43 1.49
N LEU B 151 -16.52 -9.31 2.49
CA LEU B 151 -17.64 -9.94 3.12
C LEU B 151 -18.23 -8.96 4.09
N PRO B 152 -19.56 -8.99 4.29
CA PRO B 152 -20.15 -8.14 5.32
C PRO B 152 -19.38 -8.31 6.64
N VAL B 153 -19.38 -7.32 7.50
CA VAL B 153 -18.55 -7.36 8.70
C VAL B 153 -19.06 -8.44 9.63
N GLU B 154 -20.38 -8.50 9.77
CA GLU B 154 -21.00 -9.44 10.67
C GLU B 154 -20.85 -10.90 10.25
N MSE B 155 -20.60 -11.14 8.97
CA MSE B 155 -20.32 -12.50 8.51
C MSE B 155 -18.93 -12.97 8.99
O MSE B 155 -18.81 -14.05 9.59
CB MSE B 155 -20.46 -12.65 6.99
CG MSE B 155 -20.16 -14.07 6.45
SE MSE B 155 -20.88 -14.52 4.61
CE MSE B 155 -22.77 -13.94 4.86
N VAL B 156 -17.91 -12.14 8.72
CA VAL B 156 -16.55 -12.43 9.16
C VAL B 156 -16.57 -12.62 10.68
N ARG B 157 -17.34 -11.75 11.34
CA ARG B 157 -17.34 -11.71 12.78
C ARG B 157 -17.96 -12.94 13.37
N ALA B 158 -19.08 -13.37 12.80
CA ALA B 158 -19.84 -14.47 13.35
C ALA B 158 -19.00 -15.74 13.47
N VAL B 159 -18.02 -15.92 12.56
CA VAL B 159 -17.20 -17.14 12.56
C VAL B 159 -15.98 -17.14 13.51
N VAL B 160 -15.58 -15.98 14.05
CA VAL B 160 -14.43 -15.90 14.96
C VAL B 160 -14.89 -15.58 16.38
N ASP B 161 -16.12 -15.11 16.48
CA ASP B 161 -16.66 -14.56 17.73
C ASP B 161 -18.19 -14.72 17.68
N PRO B 162 -18.69 -15.98 17.68
CA PRO B 162 -20.11 -16.30 17.49
C PRO B 162 -21.00 -15.55 18.45
N GLU B 163 -20.53 -15.39 19.69
CA GLU B 163 -21.29 -14.70 20.72
C GLU B 163 -21.09 -13.20 20.84
N GLY B 164 -20.33 -12.60 19.92
CA GLY B 164 -20.00 -11.17 19.98
C GLY B 164 -19.38 -10.75 21.31
N LYS B 165 -18.50 -11.59 21.86
CA LYS B 165 -17.82 -11.28 23.15
C LYS B 165 -16.74 -10.17 23.07
N PHE B 166 -16.36 -9.82 21.85
CA PHE B 166 -15.13 -9.08 21.64
C PHE B 166 -15.35 -7.78 20.87
N PRO B 167 -14.67 -6.71 21.27
CA PRO B 167 -14.75 -5.53 20.43
C PRO B 167 -14.36 -5.91 19.02
N VAL B 168 -14.92 -5.21 18.04
CA VAL B 168 -14.63 -5.47 16.63
C VAL B 168 -14.32 -4.12 15.94
N LEU B 169 -13.23 -4.03 15.17
CA LEU B 169 -12.93 -2.85 14.36
C LEU B 169 -12.65 -3.18 12.90
N GLU B 170 -12.79 -2.19 12.03
CA GLU B 170 -12.53 -2.40 10.63
C GLU B 170 -11.24 -1.75 10.20
N ALA B 171 -10.58 -2.31 9.18
CA ALA B 171 -9.28 -1.84 8.79
C ALA B 171 -8.97 -1.95 7.30
N VAL B 172 -8.09 -1.03 6.85
CA VAL B 172 -7.38 -1.18 5.58
C VAL B 172 -5.90 -0.92 5.94
N ALA B 173 -5.28 -1.95 6.47
CA ALA B 173 -3.98 -1.83 7.13
C ALA B 173 -2.89 -1.29 6.18
N THR B 174 -3.00 -1.64 4.90
CA THR B 174 -2.07 -1.10 3.91
C THR B 174 -2.07 0.44 3.89
N GLU B 175 -3.19 1.04 4.25
CA GLU B 175 -3.34 2.48 4.26
C GLU B 175 -3.42 3.05 5.69
N GLY B 176 -3.24 2.18 6.67
CA GLY B 176 -3.26 2.62 8.08
C GLY B 176 -4.63 2.82 8.62
N LYS B 177 -5.66 2.63 7.79
CA LYS B 177 -7.01 2.85 8.30
C LYS B 177 -7.37 1.74 9.31
N GLY B 178 -7.86 2.14 10.48
CA GLY B 178 -8.15 1.23 11.59
C GLY B 178 -6.94 0.71 12.40
N VAL B 179 -5.72 0.88 11.93
CA VAL B 179 -4.57 0.28 12.60
C VAL B 179 -4.42 0.78 14.04
N PHE B 180 -4.45 2.11 14.26
CA PHE B 180 -4.27 2.73 15.59
C PHE B 180 -5.46 2.74 16.49
N GLU B 181 -6.65 2.78 15.88
CA GLU B 181 -7.89 2.52 16.61
C GLU B 181 -7.81 1.12 17.23
N THR B 182 -7.34 0.14 16.45
CA THR B 182 -7.27 -1.22 16.94
C THR B 182 -6.36 -1.36 18.16
N LEU B 183 -5.18 -0.75 18.05
CA LEU B 183 -4.20 -0.91 19.10
C LEU B 183 -4.69 -0.19 20.35
N LYS B 184 -5.50 0.85 20.13
CA LYS B 184 -5.95 1.68 21.22
C LYS B 184 -6.96 0.89 22.05
N GLU B 185 -7.91 0.29 21.34
CA GLU B 185 -8.92 -0.55 21.95
C GLU B 185 -8.27 -1.68 22.76
N VAL B 186 -7.31 -2.41 22.16
CA VAL B 186 -6.64 -3.47 22.92
C VAL B 186 -5.86 -2.94 24.11
N SER B 187 -5.23 -1.78 23.91
CA SER B 187 -4.48 -1.11 24.99
C SER B 187 -5.34 -0.72 26.15
N ARG B 188 -6.50 -0.20 25.84
CA ARG B 188 -7.49 0.22 26.83
C ARG B 188 -7.89 -0.98 27.69
N LEU B 189 -8.26 -2.11 27.06
CA LEU B 189 -8.68 -3.35 27.76
C LEU B 189 -7.55 -3.96 28.57
N VAL B 190 -6.34 -4.03 28.00
CA VAL B 190 -5.22 -4.50 28.79
C VAL B 190 -5.05 -3.67 30.07
N LEU B 191 -5.00 -2.33 29.93
CA LEU B 191 -4.80 -1.47 31.11
C LEU B 191 -5.96 -1.46 32.09
N ALA B 192 -7.18 -1.60 31.57
CA ALA B 192 -8.38 -1.69 32.40
C ALA B 192 -8.31 -2.85 33.42
N ARG B 193 -7.54 -3.88 33.08
CA ARG B 193 -7.37 -5.05 33.92
C ARG B 193 -6.24 -4.90 34.93
N VAL B 194 -5.26 -4.06 34.59
CA VAL B 194 -4.18 -3.74 35.52
C VAL B 194 -4.60 -2.72 36.61
N ALA B 195 -5.54 -1.82 36.26
CA ALA B 195 -6.06 -0.84 37.22
C ALA B 195 -7.52 -1.18 37.61
N SER C 4 -4.86 19.20 -37.47
CA SER C 4 -4.45 19.44 -36.03
C SER C 4 -3.06 18.80 -35.64
N THR C 5 -2.98 17.46 -35.76
CA THR C 5 -1.79 16.74 -35.49
C THR C 5 -0.77 16.99 -36.61
N ILE C 6 -1.27 17.32 -37.80
CA ILE C 6 -0.43 17.71 -38.92
C ILE C 6 -0.47 19.23 -39.07
N ASN C 7 0.68 19.88 -39.02
CA ASN C 7 0.77 21.33 -39.23
C ASN C 7 1.54 21.53 -40.54
N PHE C 8 0.78 21.74 -41.60
CA PHE C 8 1.41 21.92 -42.91
C PHE C 8 2.29 23.17 -42.94
N ALA C 9 1.77 24.26 -42.37
CA ALA C 9 2.44 25.56 -42.41
C ALA C 9 3.84 25.54 -41.79
N ASN C 10 4.01 24.91 -40.62
CA ASN C 10 5.36 24.80 -40.08
C ASN C 10 6.08 23.52 -40.51
N ARG C 11 5.37 22.61 -41.18
CA ARG C 11 5.91 21.34 -41.62
C ARG C 11 6.30 20.49 -40.37
N GLU C 12 5.32 20.26 -39.50
CA GLU C 12 5.44 19.46 -38.25
C GLU C 12 4.28 18.49 -38.10
N ILE C 13 4.60 17.30 -37.61
CA ILE C 13 3.59 16.39 -37.08
C ILE C 13 3.63 16.48 -35.56
N ASN C 14 2.44 16.60 -34.95
CA ASN C 14 2.28 16.79 -33.53
C ASN C 14 1.72 15.55 -32.83
N PHE C 15 2.43 15.05 -31.83
CA PHE C 15 1.95 13.93 -31.01
C PHE C 15 1.73 14.34 -29.55
N LYS C 16 0.64 13.87 -28.98
CA LYS C 16 0.35 14.15 -27.57
C LYS C 16 0.58 12.90 -26.72
N ILE C 17 1.40 13.05 -25.68
CA ILE C 17 1.67 11.97 -24.78
C ILE C 17 1.17 12.45 -23.46
N VAL C 18 0.26 11.70 -22.85
CA VAL C 18 -0.22 12.04 -21.53
C VAL C 18 0.50 11.18 -20.48
N TYR C 19 0.99 11.81 -19.40
CA TYR C 19 1.43 11.06 -18.21
C TYR C 19 0.25 10.96 -17.25
N TYR C 20 -0.12 9.72 -16.91
CA TYR C 20 -1.21 9.47 -16.02
C TYR C 20 -0.79 8.64 -14.78
N GLY C 21 -1.60 8.63 -13.74
CA GLY C 21 -1.27 7.91 -12.53
C GLY C 21 -1.74 8.67 -11.30
N PRO C 22 -1.55 8.07 -10.12
CA PRO C 22 -2.14 8.64 -8.89
C PRO C 22 -1.43 9.94 -8.56
N GLY C 23 -2.07 10.81 -7.78
CA GLY C 23 -1.44 12.05 -7.35
C GLY C 23 -0.13 11.73 -6.64
N LEU C 24 0.99 12.39 -7.04
CA LEU C 24 2.29 12.33 -6.36
C LEU C 24 3.08 11.07 -6.66
N SER C 25 2.78 10.37 -7.74
CA SER C 25 3.51 9.19 -8.09
C SER C 25 4.82 9.48 -8.85
N GLY C 26 4.99 10.73 -9.30
CA GLY C 26 6.18 11.13 -10.08
C GLY C 26 6.01 11.65 -11.51
N LYS C 27 4.84 12.18 -11.87
CA LYS C 27 4.61 12.66 -13.27
C LYS C 27 5.32 13.99 -13.61
N THR C 28 5.23 14.96 -12.69
CA THR C 28 5.85 16.25 -12.82
C THR C 28 7.34 16.02 -12.91
N THR C 29 7.85 15.23 -11.96
CA THR C 29 9.24 14.83 -11.95
C THR C 29 9.69 14.32 -13.31
N ASN C 30 8.97 13.36 -13.88
CA ASN C 30 9.25 12.93 -15.24
C ASN C 30 9.32 14.10 -16.22
N LEU C 31 8.25 14.90 -16.29
CA LEU C 31 8.22 16.04 -17.19
C LEU C 31 9.34 17.05 -16.97
N LYS C 32 9.65 17.41 -15.72
CA LYS C 32 10.81 18.30 -15.41
C LYS C 32 12.18 17.72 -15.83
N TRP C 33 12.45 16.45 -15.55
CA TRP C 33 13.67 15.85 -16.06
CA TRP C 33 13.67 15.85 -16.06
C TRP C 33 13.75 15.96 -17.59
N ILE C 34 12.65 15.63 -18.28
CA ILE C 34 12.69 15.61 -19.73
C ILE C 34 13.01 17.02 -20.23
N TYR C 35 12.35 18.02 -19.63
CA TYR C 35 12.41 19.41 -20.08
C TYR C 35 13.82 20.00 -19.87
N SER C 36 14.39 19.65 -18.71
CA SER C 36 15.68 20.13 -18.28
C SER C 36 16.79 19.62 -19.21
N LYS C 37 16.53 18.53 -19.92
CA LYS C 37 17.54 18.00 -20.88
C LYS C 37 17.31 18.37 -22.37
N VAL C 38 16.35 19.23 -22.69
CA VAL C 38 16.13 19.58 -24.07
C VAL C 38 16.83 20.95 -24.20
N PRO C 39 17.60 21.18 -25.32
CA PRO C 39 18.19 22.47 -25.74
C PRO C 39 17.17 23.61 -25.80
N GLU C 40 17.61 24.81 -25.41
CA GLU C 40 16.75 26.01 -25.44
C GLU C 40 15.90 26.19 -26.71
N GLY C 41 16.48 25.87 -27.86
CA GLY C 41 15.86 26.17 -29.14
C GLY C 41 14.88 25.13 -29.65
N ARG C 42 14.64 24.09 -28.86
CA ARG C 42 13.91 22.92 -29.32
C ARG C 42 12.67 22.66 -28.48
N LYS C 43 12.30 23.64 -27.64
CA LYS C 43 11.14 23.53 -26.77
C LYS C 43 10.47 24.87 -26.55
N GLY C 44 9.19 24.83 -26.18
CA GLY C 44 8.51 26.02 -25.72
C GLY C 44 8.58 26.15 -24.22
N GLU C 45 7.66 26.97 -23.72
CA GLU C 45 7.46 27.24 -22.30
CA GLU C 45 7.54 27.22 -22.30
C GLU C 45 6.88 26.01 -21.62
N MSE C 46 7.23 25.79 -20.38
CA MSE C 46 6.47 24.92 -19.54
C MSE C 46 5.22 25.73 -19.09
O MSE C 46 5.39 26.84 -18.58
CB MSE C 46 7.32 24.63 -18.32
CG MSE C 46 6.70 23.66 -17.40
SE MSE C 46 8.06 22.29 -17.10
CE MSE C 46 6.80 20.81 -17.29
N VAL C 47 3.99 25.21 -19.28
CA VAL C 47 2.76 25.89 -18.90
C VAL C 47 2.08 25.17 -17.73
N SER C 48 1.83 25.92 -16.65
CA SER C 48 1.18 25.41 -15.47
C SER C 48 -0.13 26.18 -15.23
N LEU C 49 -1.25 25.47 -15.34
CA LEU C 49 -2.57 26.04 -15.00
C LEU C 49 -3.06 25.48 -13.67
N ALA C 50 -3.52 26.39 -12.79
CA ALA C 50 -3.98 26.04 -11.45
C ALA C 50 -5.11 26.93 -10.87
N THR C 51 -6.03 26.28 -10.17
CA THR C 51 -7.07 26.93 -9.40
C THR C 51 -6.85 26.35 -8.04
N GLU C 52 -7.67 26.70 -7.08
CA GLU C 52 -7.56 26.08 -5.76
C GLU C 52 -7.71 24.56 -5.84
N ASP C 53 -8.56 24.06 -6.74
CA ASP C 53 -8.94 22.66 -6.75
C ASP C 53 -8.46 21.85 -7.98
N GLU C 54 -7.94 22.51 -9.00
CA GLU C 54 -7.56 21.81 -10.23
C GLU C 54 -6.24 22.32 -10.77
N ARG C 55 -5.49 21.44 -11.42
CA ARG C 55 -4.16 21.77 -12.01
C ARG C 55 -3.93 21.07 -13.35
N THR C 56 -3.13 21.70 -14.19
CA THR C 56 -2.69 21.07 -15.42
C THR C 56 -1.31 21.57 -15.75
N LEU C 57 -0.51 20.74 -16.39
CA LEU C 57 0.87 21.10 -16.69
C LEU C 57 1.30 20.46 -17.99
N PHE C 58 1.91 21.24 -18.87
CA PHE C 58 2.35 20.67 -20.15
C PHE C 58 3.48 21.46 -20.82
N PHE C 59 4.00 20.94 -21.92
CA PHE C 59 4.95 21.70 -22.76
C PHE C 59 5.13 20.91 -24.03
N ASP C 60 5.71 21.56 -25.04
CA ASP C 60 6.06 20.89 -26.28
C ASP C 60 7.55 21.02 -26.59
N PHE C 61 8.02 20.08 -27.41
CA PHE C 61 9.44 20.10 -27.79
C PHE C 61 9.72 19.23 -29.02
N LEU C 62 10.78 19.54 -29.75
CA LEU C 62 11.18 18.70 -30.89
C LEU C 62 12.28 17.76 -30.43
N PRO C 63 11.98 16.46 -30.32
CA PRO C 63 12.96 15.47 -29.86
C PRO C 63 14.12 15.44 -30.82
N LEU C 64 15.34 15.28 -30.33
CA LEU C 64 16.47 15.16 -31.23
C LEU C 64 16.76 13.73 -31.71
N ASP C 65 16.00 12.75 -31.24
CA ASP C 65 16.18 11.36 -31.70
C ASP C 65 15.32 10.91 -32.91
N ILE C 66 14.31 11.72 -33.30
CA ILE C 66 13.34 11.34 -34.34
C ILE C 66 13.66 12.00 -35.70
N GLY C 67 13.71 11.20 -36.77
CA GLY C 67 13.95 11.77 -38.08
C GLY C 67 12.69 12.39 -38.64
N GLU C 68 12.83 13.40 -39.49
CA GLU C 68 11.74 13.94 -40.29
C GLU C 68 11.08 12.79 -41.09
N VAL C 69 9.81 12.95 -41.44
CA VAL C 69 9.10 12.03 -42.34
C VAL C 69 8.48 12.85 -43.47
N LYS C 70 8.94 12.62 -44.71
CA LYS C 70 8.50 13.38 -45.90
C LYS C 70 8.65 14.89 -45.67
N GLY C 71 9.77 15.29 -45.04
CA GLY C 71 10.02 16.69 -44.63
C GLY C 71 9.27 17.25 -43.41
N PHE C 72 8.56 16.41 -42.67
CA PHE C 72 7.87 16.90 -41.45
C PHE C 72 8.66 16.56 -40.22
N LYS C 73 9.03 17.55 -39.42
CA LYS C 73 9.64 17.29 -38.12
C LYS C 73 8.56 16.84 -37.16
N THR C 74 9.00 16.19 -36.08
CA THR C 74 8.12 15.60 -35.09
C THR C 74 8.19 16.44 -33.87
N ARG C 75 7.02 16.79 -33.32
CA ARG C 75 6.92 17.57 -32.09
C ARG C 75 6.05 16.81 -31.11
N PHE C 76 6.58 16.62 -29.91
CA PHE C 76 5.90 15.95 -28.80
C PHE C 76 5.30 17.00 -27.92
N HIS C 77 4.05 16.78 -27.48
CA HIS C 77 3.38 17.60 -26.51
C HIS C 77 3.10 16.70 -25.28
N LEU C 78 3.74 17.01 -24.16
CA LEU C 78 3.62 16.16 -22.95
C LEU C 78 2.70 16.82 -21.97
N TYR C 79 1.65 16.10 -21.57
CA TYR C 79 0.70 16.67 -20.61
C TYR C 79 0.58 15.89 -19.32
N THR C 80 0.39 16.59 -18.22
CA THR C 80 -0.05 15.84 -17.06
C THR C 80 -1.01 16.61 -16.19
N VAL C 81 -1.75 15.90 -15.33
CA VAL C 81 -2.45 16.54 -14.26
C VAL C 81 -1.68 16.20 -12.97
N PRO C 82 -1.04 17.23 -12.34
CA PRO C 82 -0.13 17.01 -11.23
C PRO C 82 -0.77 17.19 -9.87
N GLY C 83 -0.17 16.58 -8.84
CA GLY C 83 -0.68 16.69 -7.47
C GLY C 83 -1.92 15.86 -7.14
N GLN C 84 -2.42 16.06 -5.93
CA GLN C 84 -3.65 15.42 -5.57
C GLN C 84 -4.81 16.12 -6.27
N VAL C 85 -5.75 15.29 -6.74
CA VAL C 85 -6.84 15.68 -7.57
C VAL C 85 -8.09 15.67 -6.71
N PHE C 86 -8.89 16.74 -6.83
CA PHE C 86 -10.14 16.90 -6.11
C PHE C 86 -11.32 16.72 -7.07
N TYR C 87 -11.02 16.76 -8.37
CA TYR C 87 -12.03 16.78 -9.43
C TYR C 87 -11.57 15.99 -10.65
N ASN C 88 -12.49 15.22 -11.23
CA ASN C 88 -12.13 14.42 -12.37
C ASN C 88 -11.94 15.18 -13.68
N ALA C 89 -12.46 16.41 -13.78
CA ALA C 89 -12.53 17.16 -15.07
C ALA C 89 -11.18 17.38 -15.84
N SER C 90 -10.12 17.81 -15.17
CA SER C 90 -8.84 18.03 -15.86
C SER C 90 -8.23 16.68 -16.27
N ARG C 91 -8.52 15.65 -15.52
CA ARG C 91 -8.16 14.30 -15.93
C ARG C 91 -8.93 13.83 -17.14
N LYS C 92 -10.19 14.16 -17.26
CA LYS C 92 -10.91 13.72 -18.44
C LYS C 92 -10.42 14.54 -19.61
N LEU C 93 -10.32 15.85 -19.41
CA LEU C 93 -9.85 16.79 -20.44
C LEU C 93 -8.39 16.53 -20.96
N ILE C 94 -7.43 16.26 -20.08
CA ILE C 94 -6.05 15.95 -20.48
C ILE C 94 -6.00 14.85 -21.59
N LEU C 95 -6.93 13.89 -21.58
CA LEU C 95 -6.87 12.78 -22.55
C LEU C 95 -7.37 13.12 -23.95
N ARG C 96 -7.82 14.34 -24.16
CA ARG C 96 -8.38 14.70 -25.44
C ARG C 96 -7.32 14.67 -26.51
N GLY C 97 -7.58 14.05 -27.67
CA GLY C 97 -6.56 13.90 -28.76
C GLY C 97 -5.30 13.12 -28.38
N VAL C 98 -5.34 12.31 -27.31
CA VAL C 98 -4.15 11.61 -26.86
C VAL C 98 -3.64 10.63 -27.90
N ASP C 99 -2.32 10.54 -28.08
CA ASP C 99 -1.73 9.51 -28.92
C ASP C 99 -1.12 8.28 -28.21
N GLY C 100 -0.51 8.53 -27.05
CA GLY C 100 0.13 7.50 -26.24
C GLY C 100 0.15 7.98 -24.82
N ILE C 101 0.24 7.05 -23.89
CA ILE C 101 0.06 7.35 -22.47
C ILE C 101 1.15 6.66 -21.73
N VAL C 102 1.75 7.37 -20.77
CA VAL C 102 2.64 6.75 -19.80
C VAL C 102 1.90 6.71 -18.48
N PHE C 103 1.77 5.52 -17.87
CA PHE C 103 1.17 5.38 -16.54
C PHE C 103 2.32 5.34 -15.53
N VAL C 104 2.46 6.41 -14.76
CA VAL C 104 3.44 6.46 -13.69
C VAL C 104 2.88 5.83 -12.40
N ALA C 105 3.25 4.59 -12.12
CA ALA C 105 2.77 3.91 -10.91
C ALA C 105 3.70 4.15 -9.72
N ASP C 106 3.12 4.33 -8.55
CA ASP C 106 3.90 4.52 -7.36
C ASP C 106 4.27 3.14 -6.75
N SER C 107 5.56 2.97 -6.40
CA SER C 107 6.09 1.75 -5.77
C SER C 107 5.88 1.67 -4.22
N ALA C 108 5.49 2.76 -3.59
CA ALA C 108 5.26 2.74 -2.15
C ALA C 108 4.21 1.67 -1.83
N PRO C 109 4.40 0.94 -0.73
CA PRO C 109 3.42 -0.12 -0.35
C PRO C 109 1.98 0.38 -0.14
N ASN C 110 1.81 1.53 0.52
CA ASN C 110 0.51 2.15 0.80
C ASN C 110 -0.24 2.89 -0.39
N ARG C 111 0.30 2.84 -1.61
CA ARG C 111 -0.29 3.52 -2.79
C ARG C 111 -0.70 2.50 -3.85
N LEU C 112 -0.73 1.25 -3.46
CA LEU C 112 -1.10 0.23 -4.40
C LEU C 112 -2.58 0.39 -4.75
N ARG C 113 -3.41 0.67 -3.76
CA ARG C 113 -4.80 0.99 -4.05
C ARG C 113 -4.93 2.26 -4.99
N ALA C 114 -4.23 3.33 -4.65
CA ALA C 114 -4.16 4.48 -5.52
C ALA C 114 -3.85 4.12 -6.97
N ASN C 115 -2.83 3.30 -7.25
CA ASN C 115 -2.54 2.83 -8.60
C ASN C 115 -3.74 2.19 -9.30
N ALA C 116 -4.39 1.19 -8.65
CA ALA C 116 -5.49 0.48 -9.29
C ALA C 116 -6.65 1.44 -9.56
N GLU C 117 -6.88 2.34 -8.59
CA GLU C 117 -7.90 3.35 -8.69
CA GLU C 117 -7.91 3.36 -8.67
C GLU C 117 -7.65 4.26 -9.90
N SER C 118 -6.39 4.60 -10.12
CA SER C 118 -6.10 5.57 -11.11
C SER C 118 -6.20 4.96 -12.50
N MSE C 119 -5.86 3.69 -12.58
CA MSE C 119 -5.95 2.92 -13.82
C MSE C 119 -7.45 2.69 -14.22
O MSE C 119 -7.82 2.86 -15.41
CB MSE C 119 -5.16 1.61 -13.64
CG MSE C 119 -5.26 0.66 -14.82
SE MSE C 119 -4.75 1.48 -16.53
CE MSE C 119 -2.78 1.45 -16.29
N ARG C 120 -8.30 2.36 -13.26
CA ARG C 120 -9.75 2.34 -13.42
C ARG C 120 -10.30 3.71 -13.85
N ASN C 121 -9.86 4.77 -13.18
CA ASN C 121 -10.26 6.07 -13.62
C ASN C 121 -9.79 6.36 -15.11
N MSE C 122 -8.63 5.89 -15.50
CA MSE C 122 -8.15 6.12 -16.86
C MSE C 122 -8.96 5.37 -17.89
O MSE C 122 -9.27 5.91 -18.98
CB MSE C 122 -6.72 5.68 -17.00
CG MSE C 122 -6.06 6.36 -18.18
SE MSE C 122 -4.26 5.63 -18.51
CE MSE C 122 -3.46 6.26 -16.90
N ARG C 123 -9.32 4.12 -17.57
CA ARG C 123 -10.22 3.37 -18.39
C ARG C 123 -11.57 4.12 -18.49
N GLU C 124 -12.01 4.70 -17.40
CA GLU C 124 -13.27 5.36 -17.42
C GLU C 124 -13.24 6.63 -18.29
N ASN C 125 -12.21 7.45 -18.13
CA ASN C 125 -12.08 8.60 -19.00
C ASN C 125 -11.88 8.26 -20.48
N LEU C 126 -11.15 7.19 -20.78
CA LEU C 126 -10.95 6.79 -22.16
C LEU C 126 -12.27 6.38 -22.80
N ALA C 127 -13.10 5.68 -22.02
CA ALA C 127 -14.40 5.28 -22.51
C ALA C 127 -15.21 6.50 -22.89
N GLU C 128 -14.97 7.65 -22.21
CA GLU C 128 -15.71 8.86 -22.53
C GLU C 128 -15.49 9.17 -24.02
N TYR C 129 -14.29 8.87 -24.50
CA TYR C 129 -13.96 9.14 -25.86
C TYR C 129 -14.23 7.97 -26.82
N GLY C 130 -14.84 6.90 -26.31
CA GLY C 130 -15.08 5.73 -27.15
C GLY C 130 -13.84 4.85 -27.34
N LEU C 131 -12.83 5.01 -26.47
CA LEU C 131 -11.60 4.25 -26.52
C LEU C 131 -11.51 3.26 -25.37
N THR C 132 -11.02 2.06 -25.65
CA THR C 132 -10.71 1.07 -24.59
C THR C 132 -9.20 1.11 -24.32
N LEU C 133 -8.75 0.32 -23.34
CA LEU C 133 -7.33 0.30 -23.02
C LEU C 133 -6.42 -0.28 -24.12
N ASP C 134 -7.02 -0.93 -25.11
CA ASP C 134 -6.26 -1.50 -26.23
C ASP C 134 -6.11 -0.48 -27.35
N ASP C 135 -6.97 0.53 -27.41
CA ASP C 135 -6.96 1.46 -28.55
C ASP C 135 -5.81 2.47 -28.49
N VAL C 136 -5.25 2.66 -27.31
CA VAL C 136 -4.18 3.63 -27.10
C VAL C 136 -2.94 2.94 -26.59
N PRO C 137 -1.80 3.24 -27.18
CA PRO C 137 -0.49 2.79 -26.66
C PRO C 137 -0.24 3.19 -25.20
N ILE C 138 -0.07 2.23 -24.31
CA ILE C 138 0.18 2.53 -22.89
C ILE C 138 1.48 1.89 -22.48
N VAL C 139 2.34 2.66 -21.84
CA VAL C 139 3.48 2.09 -21.13
C VAL C 139 3.29 2.25 -19.63
N ILE C 140 3.57 1.21 -18.83
CA ILE C 140 3.54 1.34 -17.37
C ILE C 140 4.93 1.70 -16.88
N GLN C 141 5.09 2.85 -16.23
CA GLN C 141 6.38 3.11 -15.61
C GLN C 141 6.22 2.89 -14.11
N VAL C 142 6.94 1.91 -13.56
CA VAL C 142 6.88 1.65 -12.10
C VAL C 142 7.98 2.48 -11.45
N ASN C 143 7.58 3.57 -10.81
CA ASN C 143 8.52 4.58 -10.43
C ASN C 143 8.83 4.48 -8.92
N LYS C 144 9.86 5.18 -8.46
CA LYS C 144 10.24 5.16 -7.05
C LYS C 144 10.81 3.78 -6.61
N ARG C 145 11.62 3.17 -7.48
CA ARG C 145 12.23 1.88 -7.17
C ARG C 145 13.31 2.04 -6.02
N ASP C 146 13.68 3.28 -5.70
CA ASP C 146 14.75 3.58 -4.76
C ASP C 146 14.25 3.73 -3.33
N LEU C 147 12.96 3.52 -3.11
CA LEU C 147 12.41 3.57 -1.76
C LEU C 147 12.81 2.25 -1.12
N PRO C 148 13.16 2.26 0.18
CA PRO C 148 13.53 1.00 0.90
C PRO C 148 12.43 -0.07 1.00
N ASP C 149 11.17 0.34 1.17
CA ASP C 149 10.06 -0.63 1.22
C ASP C 149 9.32 -0.84 -0.15
N ALA C 150 9.92 -0.36 -1.24
CA ALA C 150 9.35 -0.57 -2.58
C ALA C 150 8.92 -2.03 -2.95
N LEU C 151 7.60 -2.20 -3.13
CA LEU C 151 7.00 -3.40 -3.67
C LEU C 151 7.68 -3.98 -4.91
N PRO C 152 7.69 -5.33 -5.02
CA PRO C 152 8.27 -5.96 -6.20
C PRO C 152 7.55 -5.46 -7.48
N VAL C 153 8.29 -5.21 -8.56
CA VAL C 153 7.69 -4.69 -9.81
C VAL C 153 6.37 -5.42 -10.20
N GLU C 154 6.37 -6.75 -10.03
CA GLU C 154 5.31 -7.57 -10.58
C GLU C 154 4.05 -7.44 -9.75
N MSE C 155 4.20 -7.00 -8.50
CA MSE C 155 3.03 -6.79 -7.69
C MSE C 155 2.32 -5.50 -8.12
O MSE C 155 1.07 -5.50 -8.30
CB MSE C 155 3.41 -6.79 -6.21
CG MSE C 155 2.23 -6.77 -5.25
SE MSE C 155 2.87 -7.14 -3.39
CE MSE C 155 1.15 -6.81 -2.45
N VAL C 156 3.11 -4.45 -8.30
CA VAL C 156 2.61 -3.17 -8.83
C VAL C 156 1.95 -3.36 -10.18
N ARG C 157 2.57 -4.17 -11.02
CA ARG C 157 2.10 -4.45 -12.37
C ARG C 157 0.83 -5.30 -12.41
N ALA C 158 0.64 -6.11 -11.39
CA ALA C 158 -0.42 -7.09 -11.40
C ALA C 158 -1.70 -6.37 -11.11
N VAL C 159 -1.59 -5.23 -10.45
CA VAL C 159 -2.75 -4.40 -10.14
C VAL C 159 -3.14 -3.35 -11.19
N VAL C 160 -2.17 -2.80 -11.92
CA VAL C 160 -2.49 -1.86 -13.01
C VAL C 160 -2.63 -2.61 -14.34
N ASP C 161 -1.89 -3.72 -14.49
CA ASP C 161 -1.86 -4.49 -15.75
C ASP C 161 -1.90 -6.02 -15.48
N PRO C 162 -3.07 -6.54 -15.01
CA PRO C 162 -3.22 -7.99 -14.71
C PRO C 162 -2.81 -8.98 -15.84
N GLU C 163 -3.20 -8.68 -17.08
CA GLU C 163 -2.95 -9.55 -18.24
C GLU C 163 -1.56 -9.39 -18.87
N GLY C 164 -0.71 -8.58 -18.22
CA GLY C 164 0.56 -8.20 -18.78
C GLY C 164 0.53 -7.76 -20.24
N LYS C 165 -0.45 -6.98 -20.68
CA LYS C 165 -0.44 -6.51 -22.10
C LYS C 165 0.42 -5.28 -22.45
N PHE C 166 1.02 -4.62 -21.47
CA PHE C 166 1.76 -3.39 -21.76
C PHE C 166 3.22 -3.52 -21.40
N PRO C 167 4.05 -2.74 -22.09
CA PRO C 167 5.45 -2.72 -21.71
C PRO C 167 5.57 -2.13 -20.32
N VAL C 168 6.59 -2.53 -19.58
CA VAL C 168 6.78 -2.02 -18.24
C VAL C 168 8.23 -1.65 -18.01
N LEU C 169 8.44 -0.47 -17.42
CA LEU C 169 9.80 0.03 -17.15
C LEU C 169 9.91 0.49 -15.70
N GLU C 170 11.11 0.38 -15.16
CA GLU C 170 11.38 0.81 -13.80
C GLU C 170 11.96 2.21 -13.85
N ALA C 171 11.81 2.94 -12.76
CA ALA C 171 12.31 4.27 -12.75
C ALA C 171 12.55 4.71 -11.35
N VAL C 172 13.41 5.72 -11.24
CA VAL C 172 13.61 6.52 -10.06
C VAL C 172 13.68 7.90 -10.70
N ALA C 173 12.53 8.53 -10.90
CA ALA C 173 12.50 9.75 -11.72
C ALA C 173 13.20 10.96 -11.12
N THR C 174 13.40 11.00 -9.82
CA THR C 174 14.17 12.11 -9.21
C THR C 174 15.66 12.12 -9.70
N GLU C 175 16.10 10.97 -10.24
CA GLU C 175 17.46 10.77 -10.70
C GLU C 175 17.54 10.66 -12.20
N GLY C 176 16.40 10.76 -12.86
CA GLY C 176 16.38 10.63 -14.31
C GLY C 176 16.40 9.21 -14.79
N LYS C 177 16.35 8.25 -13.87
CA LYS C 177 16.49 6.83 -14.28
C LYS C 177 15.20 6.28 -14.88
N GLY C 178 15.34 5.62 -16.02
CA GLY C 178 14.19 5.04 -16.71
C GLY C 178 13.30 6.10 -17.35
N VAL C 179 13.60 7.38 -17.14
CA VAL C 179 12.71 8.41 -17.61
C VAL C 179 12.68 8.51 -19.14
N PHE C 180 13.85 8.69 -19.74
CA PHE C 180 13.97 8.66 -21.18
C PHE C 180 13.73 7.31 -21.85
N GLU C 181 13.94 6.23 -21.15
CA GLU C 181 13.68 4.93 -21.72
C GLU C 181 12.16 4.79 -21.89
N THR C 182 11.40 5.28 -20.93
CA THR C 182 9.94 5.24 -20.96
C THR C 182 9.36 6.03 -22.14
N LEU C 183 9.86 7.26 -22.28
CA LEU C 183 9.50 8.06 -23.41
C LEU C 183 9.91 7.38 -24.73
N LYS C 184 11.13 6.85 -24.81
CA LYS C 184 11.53 6.12 -26.00
C LYS C 184 10.51 5.02 -26.31
N GLU C 185 10.16 4.23 -25.29
CA GLU C 185 9.27 3.08 -25.45
C GLU C 185 7.82 3.44 -25.88
N VAL C 186 7.25 4.52 -25.31
CA VAL C 186 5.97 5.01 -25.78
C VAL C 186 6.01 5.55 -27.22
N SER C 187 7.11 6.20 -27.58
CA SER C 187 7.28 6.62 -28.99
C SER C 187 7.30 5.44 -29.96
N ARG C 188 8.05 4.38 -29.66
CA ARG C 188 7.99 3.27 -30.59
C ARG C 188 6.64 2.57 -30.62
N LEU C 189 5.95 2.49 -29.46
CA LEU C 189 4.62 1.87 -29.44
C LEU C 189 3.66 2.65 -30.32
N VAL C 190 3.78 3.98 -30.29
CA VAL C 190 2.98 4.81 -31.19
C VAL C 190 3.30 4.49 -32.63
N LEU C 191 4.58 4.56 -32.96
CA LEU C 191 5.00 4.45 -34.34
C LEU C 191 4.66 3.08 -34.91
N ALA C 192 5.06 2.04 -34.18
CA ALA C 192 5.03 0.73 -34.75
C ALA C 192 4.21 -0.18 -33.87
N ARG C 193 2.90 -0.27 -34.10
CA ARG C 193 2.17 0.31 -35.20
C ARG C 193 1.52 1.65 -34.75
N SER D 4 -40.96 9.88 -18.77
CA SER D 4 -41.84 9.02 -17.93
C SER D 4 -42.13 9.51 -16.49
N THR D 5 -42.00 10.80 -16.22
CA THR D 5 -42.47 11.28 -14.94
C THR D 5 -44.02 11.27 -14.83
N ILE D 6 -44.73 11.55 -15.92
CA ILE D 6 -46.20 11.34 -15.89
C ILE D 6 -46.60 10.07 -16.57
N ASN D 7 -47.19 9.13 -15.82
CA ASN D 7 -47.74 7.91 -16.42
C ASN D 7 -49.25 8.06 -16.45
N PHE D 8 -49.79 8.34 -17.65
CA PHE D 8 -51.26 8.52 -17.82
C PHE D 8 -52.10 7.25 -17.66
N ALA D 9 -51.58 6.14 -18.17
CA ALA D 9 -52.20 4.82 -18.07
C ALA D 9 -52.47 4.26 -16.65
N ASN D 10 -51.84 4.82 -15.62
CA ASN D 10 -52.01 4.32 -14.26
C ASN D 10 -52.32 5.54 -13.40
N ARG D 11 -52.51 6.65 -14.10
CA ARG D 11 -52.70 7.94 -13.48
C ARG D 11 -51.71 8.11 -12.28
N GLU D 12 -50.41 8.17 -12.60
CA GLU D 12 -49.34 8.44 -11.61
C GLU D 12 -48.40 9.57 -12.03
N ILE D 13 -47.95 10.33 -11.05
CA ILE D 13 -46.80 11.18 -11.19
C ILE D 13 -45.64 10.47 -10.49
N ASN D 14 -44.51 10.33 -11.20
CA ASN D 14 -43.30 9.68 -10.67
C ASN D 14 -42.19 10.68 -10.34
N PHE D 15 -41.72 10.66 -9.09
CA PHE D 15 -40.50 11.42 -8.74
C PHE D 15 -39.34 10.49 -8.35
N LYS D 16 -38.14 10.85 -8.82
CA LYS D 16 -36.96 10.13 -8.45
C LYS D 16 -36.11 10.86 -7.36
N ILE D 17 -35.91 10.12 -6.25
CA ILE D 17 -35.11 10.51 -5.09
C ILE D 17 -33.81 9.67 -5.04
N VAL D 18 -32.67 10.37 -5.10
CA VAL D 18 -31.39 9.69 -4.99
C VAL D 18 -30.77 9.88 -3.58
N TYR D 19 -30.29 8.79 -3.01
CA TYR D 19 -29.55 8.78 -1.75
C TYR D 19 -28.10 8.66 -2.17
N TYR D 20 -27.29 9.62 -1.74
CA TYR D 20 -25.94 9.76 -2.25
C TYR D 20 -25.10 9.95 -1.04
N GLY D 21 -23.82 9.58 -1.09
CA GLY D 21 -22.87 9.84 0.01
C GLY D 21 -21.78 8.77 -0.04
N PRO D 22 -20.78 8.89 0.85
CA PRO D 22 -19.63 7.98 0.90
C PRO D 22 -20.11 6.52 0.99
N GLY D 23 -19.32 5.62 0.43
CA GLY D 23 -19.63 4.20 0.54
C GLY D 23 -19.75 3.86 2.06
N LEU D 24 -20.82 3.16 2.44
CA LEU D 24 -20.99 2.67 3.82
C LEU D 24 -21.41 3.75 4.84
N SER D 25 -22.10 4.78 4.38
CA SER D 25 -22.51 5.83 5.26
C SER D 25 -23.88 5.52 5.82
N GLY D 26 -24.55 4.53 5.24
CA GLY D 26 -25.87 4.12 5.73
C GLY D 26 -26.98 4.35 4.69
N LYS D 27 -26.66 4.19 3.41
CA LYS D 27 -27.61 4.48 2.33
C LYS D 27 -28.66 3.33 2.20
N THR D 28 -28.17 2.12 2.04
CA THR D 28 -28.97 0.94 2.11
C THR D 28 -29.86 0.92 3.36
N THR D 29 -29.27 1.20 4.51
CA THR D 29 -29.95 1.11 5.79
C THR D 29 -31.18 2.01 5.76
N ASN D 30 -31.05 3.25 5.27
CA ASN D 30 -32.18 4.16 5.04
C ASN D 30 -33.23 3.56 4.13
N LEU D 31 -32.82 3.06 2.96
CA LEU D 31 -33.75 2.42 2.04
C LEU D 31 -34.49 1.15 2.58
N LYS D 32 -33.75 0.25 3.22
CA LYS D 32 -34.35 -0.89 3.89
C LYS D 32 -35.33 -0.51 4.99
N TRP D 33 -35.02 0.52 5.77
CA TRP D 33 -35.94 0.98 6.82
CA TRP D 33 -35.94 0.97 6.82
C TRP D 33 -37.22 1.54 6.24
N ILE D 34 -37.08 2.42 5.26
CA ILE D 34 -38.24 2.96 4.58
C ILE D 34 -39.07 1.81 4.01
N TYR D 35 -38.43 0.93 3.25
CA TYR D 35 -39.13 -0.21 2.65
C TYR D 35 -39.97 -1.03 3.68
N SER D 36 -39.36 -1.36 4.81
CA SER D 36 -39.94 -2.24 5.81
C SER D 36 -41.12 -1.62 6.51
N LYS D 37 -41.37 -0.34 6.28
CA LYS D 37 -42.55 0.32 6.86
C LYS D 37 -43.52 0.80 5.76
N VAL D 38 -43.43 0.24 4.56
CA VAL D 38 -44.46 0.58 3.60
C VAL D 38 -45.35 -0.64 3.43
N PRO D 39 -46.69 -0.44 3.41
CA PRO D 39 -47.60 -1.57 3.18
C PRO D 39 -47.37 -2.32 1.87
N GLU D 40 -47.55 -3.63 1.94
CA GLU D 40 -47.38 -4.55 0.81
C GLU D 40 -48.00 -3.97 -0.49
N GLY D 41 -49.21 -3.42 -0.40
CA GLY D 41 -49.93 -3.00 -1.59
C GLY D 41 -49.48 -1.65 -2.13
N ARG D 42 -48.63 -0.94 -1.37
CA ARG D 42 -48.10 0.39 -1.81
C ARG D 42 -46.64 0.43 -2.39
N LYS D 43 -46.06 -0.74 -2.66
CA LYS D 43 -44.67 -0.83 -3.04
C LYS D 43 -44.47 -1.92 -4.04
N GLY D 44 -43.44 -1.78 -4.88
CA GLY D 44 -42.99 -2.85 -5.74
C GLY D 44 -41.90 -3.64 -5.03
N GLU D 45 -41.12 -4.35 -5.86
CA GLU D 45 -39.95 -5.10 -5.46
C GLU D 45 -38.75 -4.20 -5.17
N MSE D 46 -37.92 -4.61 -4.23
CA MSE D 46 -36.62 -4.01 -4.11
C MSE D 46 -35.78 -4.69 -5.14
O MSE D 46 -35.75 -5.96 -5.19
CB MSE D 46 -36.03 -4.29 -2.76
CG MSE D 46 -34.69 -3.67 -2.55
SE MSE D 46 -34.77 -2.25 -1.18
CE MSE D 46 -35.32 -3.40 0.33
N VAL D 47 -35.09 -3.89 -5.96
CA VAL D 47 -34.19 -4.38 -7.00
C VAL D 47 -32.72 -4.07 -6.68
N SER D 48 -31.90 -5.10 -6.79
CA SER D 48 -30.48 -4.96 -6.56
C SER D 48 -29.70 -5.50 -7.77
N LEU D 49 -28.90 -4.63 -8.38
CA LEU D 49 -28.05 -4.96 -9.52
C LEU D 49 -26.60 -4.86 -9.15
N ALA D 50 -25.83 -5.87 -9.54
CA ALA D 50 -24.47 -5.97 -9.10
C ALA D 50 -23.64 -6.76 -10.10
N THR D 51 -22.48 -6.20 -10.43
CA THR D 51 -21.44 -6.96 -11.07
C THR D 51 -20.43 -7.19 -9.95
N GLU D 52 -19.24 -7.63 -10.31
CA GLU D 52 -18.19 -7.87 -9.32
C GLU D 52 -17.79 -6.56 -8.69
N ASP D 53 -17.94 -5.43 -9.39
CA ASP D 53 -17.48 -4.18 -8.81
C ASP D 53 -18.32 -2.94 -9.03
N GLU D 54 -19.52 -3.08 -9.63
CA GLU D 54 -20.51 -1.99 -9.64
C GLU D 54 -21.84 -2.43 -9.02
N ARG D 55 -22.57 -1.50 -8.45
CA ARG D 55 -23.78 -1.84 -7.75
C ARG D 55 -24.81 -0.71 -7.79
N THR D 56 -26.09 -1.08 -7.89
CA THR D 56 -27.17 -0.14 -7.66
C THR D 56 -28.38 -0.79 -7.00
N LEU D 57 -29.11 -0.01 -6.24
CA LEU D 57 -30.25 -0.51 -5.48
C LEU D 57 -31.39 0.48 -5.63
N PHE D 58 -32.59 -0.02 -5.87
CA PHE D 58 -33.76 0.85 -5.96
C PHE D 58 -35.10 0.15 -5.67
N PHE D 59 -36.14 0.95 -5.39
CA PHE D 59 -37.54 0.51 -5.23
C PHE D 59 -38.47 1.69 -5.36
N ASP D 60 -39.74 1.40 -5.59
CA ASP D 60 -40.71 2.47 -5.71
C ASP D 60 -41.91 2.21 -4.83
N PHE D 61 -42.63 3.27 -4.51
CA PHE D 61 -43.73 3.17 -3.58
C PHE D 61 -44.62 4.41 -3.59
N LEU D 62 -45.84 4.23 -3.06
CA LEU D 62 -46.88 5.29 -3.03
C LEU D 62 -47.00 5.83 -1.63
N PRO D 63 -46.41 6.99 -1.35
CA PRO D 63 -46.46 7.54 0.03
C PRO D 63 -47.91 7.86 0.47
N LEU D 64 -48.25 7.69 1.76
CA LEU D 64 -49.64 7.96 2.17
C LEU D 64 -49.86 9.39 2.63
N ASP D 65 -48.76 10.12 2.70
CA ASP D 65 -48.77 11.49 3.16
C ASP D 65 -48.77 12.46 1.98
N ILE D 66 -49.04 12.02 0.76
CA ILE D 66 -49.04 12.98 -0.36
C ILE D 66 -50.40 13.07 -1.02
N GLY D 67 -50.92 14.31 -1.11
CA GLY D 67 -52.23 14.59 -1.72
C GLY D 67 -52.35 14.35 -3.22
N GLU D 68 -53.48 13.77 -3.62
CA GLU D 68 -53.80 13.45 -5.03
C GLU D 68 -54.24 14.67 -5.82
N VAL D 69 -54.19 14.57 -7.15
CA VAL D 69 -54.60 15.65 -8.10
C VAL D 69 -55.13 15.11 -9.44
N LYS D 70 -56.45 15.25 -9.63
CA LYS D 70 -57.17 14.73 -10.80
C LYS D 70 -57.00 13.22 -10.84
N GLY D 71 -57.15 12.57 -9.71
CA GLY D 71 -56.94 11.11 -9.66
C GLY D 71 -55.48 10.66 -9.76
N PHE D 72 -54.54 11.59 -9.96
CA PHE D 72 -53.11 11.26 -10.04
C PHE D 72 -52.44 10.97 -8.68
N LYS D 73 -52.16 9.71 -8.39
CA LYS D 73 -51.37 9.38 -7.20
C LYS D 73 -49.88 9.76 -7.46
N THR D 74 -49.15 10.02 -6.39
CA THR D 74 -47.74 10.31 -6.47
C THR D 74 -46.99 9.02 -6.15
N ARG D 75 -45.95 8.71 -6.93
CA ARG D 75 -45.08 7.55 -6.72
C ARG D 75 -43.60 7.98 -6.60
N PHE D 76 -42.99 7.57 -5.51
CA PHE D 76 -41.56 7.88 -5.32
C PHE D 76 -40.74 6.67 -5.66
N HIS D 77 -39.62 6.93 -6.30
CA HIS D 77 -38.65 5.92 -6.66
C HIS D 77 -37.35 6.28 -5.90
N LEU D 78 -36.86 5.37 -5.07
CA LEU D 78 -35.64 5.61 -4.32
C LEU D 78 -34.45 4.82 -4.94
N TYR D 79 -33.37 5.54 -5.24
CA TYR D 79 -32.17 5.02 -5.88
C TYR D 79 -30.96 5.34 -5.01
N THR D 80 -30.12 4.33 -4.87
CA THR D 80 -28.80 4.48 -4.38
C THR D 80 -27.73 3.51 -4.99
N VAL D 81 -26.47 3.94 -4.91
CA VAL D 81 -25.35 3.10 -5.28
C VAL D 81 -24.77 2.70 -3.97
N PRO D 82 -24.97 1.42 -3.55
CA PRO D 82 -24.52 1.04 -2.21
C PRO D 82 -23.09 0.51 -2.23
N GLY D 83 -22.46 0.48 -1.04
CA GLY D 83 -21.16 -0.19 -0.86
C GLY D 83 -20.01 0.63 -1.40
N GLN D 84 -18.87 -0.01 -1.44
CA GLN D 84 -17.70 0.66 -1.90
C GLN D 84 -17.77 0.86 -3.40
N VAL D 85 -17.38 2.04 -3.88
CA VAL D 85 -17.43 2.33 -5.31
C VAL D 85 -16.04 2.15 -5.95
N PHE D 86 -16.03 1.49 -7.08
CA PHE D 86 -14.83 1.35 -7.88
C PHE D 86 -14.81 2.16 -9.19
N TYR D 87 -15.97 2.36 -9.81
CA TYR D 87 -16.08 3.19 -10.99
C TYR D 87 -17.17 4.22 -10.73
N ASN D 88 -16.96 5.40 -11.28
CA ASN D 88 -17.93 6.46 -11.28
C ASN D 88 -19.22 6.18 -12.06
N ALA D 89 -19.18 5.26 -13.03
CA ALA D 89 -20.32 5.04 -13.92
C ALA D 89 -21.69 5.00 -13.23
N SER D 90 -21.84 4.12 -12.24
CA SER D 90 -23.14 3.87 -11.56
C SER D 90 -23.60 5.13 -10.84
N ARG D 91 -22.67 5.90 -10.34
CA ARG D 91 -22.99 7.12 -9.60
C ARG D 91 -23.50 8.24 -10.57
N LYS D 92 -22.96 8.31 -11.78
CA LYS D 92 -23.40 9.32 -12.76
C LYS D 92 -24.77 8.93 -13.29
N LEU D 93 -24.94 7.64 -13.59
CA LEU D 93 -26.20 7.09 -14.08
C LEU D 93 -27.34 7.28 -13.05
N ILE D 94 -27.06 7.05 -11.78
CA ILE D 94 -28.06 7.07 -10.74
C ILE D 94 -28.80 8.41 -10.76
N LEU D 95 -28.10 9.47 -11.21
CA LEU D 95 -28.64 10.81 -11.26
C LEU D 95 -29.47 11.17 -12.50
N ARG D 96 -29.51 10.28 -13.49
CA ARG D 96 -30.38 10.51 -14.64
C ARG D 96 -31.81 10.77 -14.16
N GLY D 97 -32.34 11.97 -14.54
CA GLY D 97 -33.70 12.45 -14.22
C GLY D 97 -34.03 12.64 -12.72
N VAL D 98 -33.01 12.88 -11.91
CA VAL D 98 -33.20 13.07 -10.49
C VAL D 98 -34.16 14.26 -10.22
N ASP D 99 -35.02 14.10 -9.18
CA ASP D 99 -35.87 15.21 -8.72
C ASP D 99 -35.37 15.76 -7.38
N GLY D 100 -34.81 14.90 -6.54
CA GLY D 100 -34.41 15.27 -5.17
C GLY D 100 -33.34 14.33 -4.66
N ILE D 101 -32.56 14.82 -3.69
CA ILE D 101 -31.35 14.12 -3.26
C ILE D 101 -31.23 14.22 -1.77
N VAL D 102 -30.86 13.11 -1.15
CA VAL D 102 -30.50 13.07 0.24
C VAL D 102 -29.05 12.67 0.23
N PHE D 103 -28.23 13.42 0.95
CA PHE D 103 -26.84 13.09 1.07
C PHE D 103 -26.68 12.53 2.43
N VAL D 104 -26.22 11.29 2.52
CA VAL D 104 -25.98 10.67 3.80
C VAL D 104 -24.48 10.74 4.14
N ALA D 105 -24.17 11.66 5.04
CA ALA D 105 -22.86 11.91 5.58
C ALA D 105 -22.50 10.92 6.73
N ASP D 106 -21.27 10.42 6.77
CA ASP D 106 -20.87 9.52 7.85
C ASP D 106 -20.23 10.33 9.00
N SER D 107 -20.65 10.03 10.22
CA SER D 107 -20.23 10.80 11.42
C SER D 107 -18.85 10.44 11.96
N ALA D 108 -18.25 9.35 11.46
CA ALA D 108 -17.00 8.84 12.00
C ALA D 108 -15.81 9.73 11.62
N PRO D 109 -14.95 10.10 12.62
CA PRO D 109 -13.73 10.90 12.41
C PRO D 109 -13.01 10.52 11.13
N ASN D 110 -12.68 9.23 10.97
CA ASN D 110 -11.93 8.78 9.81
C ASN D 110 -12.70 8.71 8.46
N ARG D 111 -13.96 9.21 8.45
CA ARG D 111 -14.74 9.25 7.19
C ARG D 111 -14.96 10.68 6.73
N LEU D 112 -14.52 11.65 7.53
CA LEU D 112 -14.77 13.03 7.23
C LEU D 112 -14.26 13.42 5.81
N ARG D 113 -13.13 12.86 5.42
CA ARG D 113 -12.56 13.08 4.11
C ARG D 113 -13.44 12.49 3.00
N ALA D 114 -13.83 11.24 3.19
CA ALA D 114 -14.82 10.60 2.31
C ALA D 114 -16.12 11.44 2.09
N ASN D 115 -16.63 12.09 3.14
CA ASN D 115 -17.79 12.98 2.99
C ASN D 115 -17.47 14.09 2.00
N ALA D 116 -16.31 14.72 2.15
CA ALA D 116 -15.88 15.79 1.25
C ALA D 116 -15.86 15.36 -0.22
N GLU D 117 -15.18 14.24 -0.41
CA GLU D 117 -14.84 13.74 -1.73
CA GLU D 117 -14.84 13.65 -1.71
C GLU D 117 -16.14 13.39 -2.47
N SER D 118 -17.06 12.74 -1.76
CA SER D 118 -18.29 12.29 -2.30
C SER D 118 -19.20 13.47 -2.64
N MSE D 119 -19.16 14.53 -1.84
CA MSE D 119 -19.92 15.72 -2.20
C MSE D 119 -19.30 16.39 -3.47
O MSE D 119 -20.00 16.77 -4.41
CB MSE D 119 -20.02 16.66 -1.01
CG MSE D 119 -20.65 18.00 -1.31
SE MSE D 119 -22.57 17.97 -1.96
CE MSE D 119 -23.47 17.47 -0.27
N ARG D 120 -17.97 16.48 -3.50
CA ARG D 120 -17.31 16.97 -4.72
C ARG D 120 -17.72 16.17 -5.98
N ASN D 121 -17.61 14.86 -5.89
CA ASN D 121 -18.01 13.97 -6.95
C ASN D 121 -19.52 14.12 -7.37
N MSE D 122 -20.42 14.40 -6.41
CA MSE D 122 -21.83 14.61 -6.72
C MSE D 122 -22.01 15.90 -7.52
O MSE D 122 -22.77 15.92 -8.49
CB MSE D 122 -22.67 14.65 -5.44
CG MSE D 122 -24.16 14.52 -5.68
SE MSE D 122 -25.27 15.02 -4.16
CE MSE D 122 -25.62 13.35 -3.41
N ARG D 123 -21.37 16.98 -7.06
CA ARG D 123 -21.38 18.23 -7.81
C ARG D 123 -20.94 18.02 -9.28
N GLU D 124 -19.98 17.12 -9.48
CA GLU D 124 -19.36 16.95 -10.75
C GLU D 124 -20.26 16.11 -11.64
N ASN D 125 -20.87 15.11 -11.05
CA ASN D 125 -21.82 14.32 -11.77
C ASN D 125 -23.05 15.12 -12.19
N LEU D 126 -23.50 16.04 -11.36
CA LEU D 126 -24.62 16.84 -11.72
C LEU D 126 -24.24 17.77 -12.87
N ALA D 127 -23.00 18.26 -12.85
CA ALA D 127 -22.55 19.20 -13.87
C ALA D 127 -22.66 18.54 -15.23
N GLU D 128 -22.44 17.23 -15.29
CA GLU D 128 -22.63 16.48 -16.52
C GLU D 128 -24.01 16.68 -17.13
N TYR D 129 -25.02 16.82 -16.28
CA TYR D 129 -26.39 16.94 -16.77
C TYR D 129 -26.74 18.41 -16.91
N GLY D 130 -25.76 19.30 -16.69
CA GLY D 130 -26.04 20.72 -16.78
C GLY D 130 -26.71 21.29 -15.54
N LEU D 131 -26.58 20.58 -14.42
CA LEU D 131 -27.17 21.00 -13.15
C LEU D 131 -26.12 21.49 -12.14
N THR D 132 -26.46 22.53 -11.34
CA THR D 132 -25.61 22.98 -10.22
C THR D 132 -26.31 22.45 -8.97
N LEU D 133 -25.64 22.53 -7.82
CA LEU D 133 -26.21 22.20 -6.51
C LEU D 133 -27.42 23.04 -6.10
N ASP D 134 -27.66 24.13 -6.82
CA ASP D 134 -28.76 25.01 -6.52
C ASP D 134 -30.04 24.54 -7.27
N ASP D 135 -29.90 23.72 -8.32
CA ASP D 135 -31.03 23.41 -9.22
C ASP D 135 -31.77 22.13 -8.87
N VAL D 136 -31.31 21.46 -7.82
CA VAL D 136 -31.88 20.23 -7.38
C VAL D 136 -32.08 20.34 -5.87
N PRO D 137 -33.28 20.01 -5.37
CA PRO D 137 -33.47 19.95 -3.93
C PRO D 137 -32.54 18.93 -3.25
N ILE D 138 -31.74 19.40 -2.30
CA ILE D 138 -30.85 18.50 -1.58
C ILE D 138 -31.02 18.63 -0.08
N VAL D 139 -31.01 17.49 0.63
CA VAL D 139 -31.00 17.48 2.08
C VAL D 139 -29.78 16.73 2.59
N ILE D 140 -29.18 17.20 3.68
CA ILE D 140 -28.07 16.48 4.28
C ILE D 140 -28.49 15.63 5.48
N GLN D 141 -28.14 14.35 5.42
CA GLN D 141 -28.40 13.52 6.58
C GLN D 141 -27.08 13.18 7.27
N VAL D 142 -26.98 13.59 8.54
CA VAL D 142 -25.85 13.20 9.38
C VAL D 142 -26.13 11.92 10.13
N ASN D 143 -25.70 10.81 9.54
CA ASN D 143 -26.03 9.50 10.06
C ASN D 143 -25.01 8.95 11.07
N LYS D 144 -25.45 8.01 11.88
CA LYS D 144 -24.54 7.31 12.81
C LYS D 144 -24.11 8.24 13.94
N ARG D 145 -25.05 9.03 14.43
CA ARG D 145 -24.83 9.86 15.63
C ARG D 145 -24.49 9.00 16.88
N ASP D 146 -25.00 7.79 16.95
CA ASP D 146 -24.73 6.90 18.08
C ASP D 146 -23.26 6.48 18.20
N LEU D 147 -22.40 6.74 17.21
CA LEU D 147 -20.97 6.37 17.36
C LEU D 147 -20.30 7.12 18.54
N PRO D 148 -19.63 6.37 19.43
CA PRO D 148 -19.09 6.95 20.67
C PRO D 148 -18.06 8.07 20.40
N ASP D 149 -17.35 7.99 19.27
CA ASP D 149 -16.42 9.05 18.84
C ASP D 149 -17.00 9.93 17.72
N ALA D 150 -18.32 9.89 17.58
CA ALA D 150 -19.04 10.71 16.63
C ALA D 150 -18.47 12.12 16.64
N LEU D 151 -18.11 12.61 15.44
CA LEU D 151 -17.83 14.01 15.20
C LEU D 151 -19.07 14.86 15.44
N PRO D 152 -18.88 16.14 15.79
CA PRO D 152 -20.03 17.04 16.01
C PRO D 152 -20.63 17.40 14.67
N VAL D 153 -21.93 17.75 14.71
CA VAL D 153 -22.78 17.92 13.56
C VAL D 153 -22.33 19.08 12.69
N GLU D 154 -22.04 20.23 13.31
CA GLU D 154 -21.62 21.45 12.61
C GLU D 154 -20.35 21.16 11.80
N MSE D 155 -19.47 20.34 12.37
CA MSE D 155 -18.21 19.92 11.72
C MSE D 155 -18.42 19.05 10.43
O MSE D 155 -17.76 19.29 9.40
CB MSE D 155 -17.30 19.22 12.74
CG MSE D 155 -16.00 18.60 12.21
SE MSE D 155 -14.78 18.27 13.57
CE MSE D 155 -14.14 19.95 13.86
N VAL D 156 -19.32 18.06 10.48
CA VAL D 156 -19.59 17.31 9.26
C VAL D 156 -20.36 18.14 8.23
N ARG D 157 -21.26 19.00 8.68
CA ARG D 157 -21.97 19.95 7.81
C ARG D 157 -21.05 20.99 7.17
N ALA D 158 -19.97 21.36 7.85
CA ALA D 158 -19.05 22.36 7.30
C ALA D 158 -18.33 21.85 6.06
N VAL D 159 -18.02 20.56 6.00
CA VAL D 159 -17.23 20.06 4.89
C VAL D 159 -18.07 19.63 3.65
N VAL D 160 -19.37 19.39 3.83
CA VAL D 160 -20.26 19.05 2.70
C VAL D 160 -21.18 20.21 2.28
N ASP D 161 -21.43 21.10 3.22
CA ASP D 161 -22.31 22.22 2.97
C ASP D 161 -21.77 23.51 3.67
N PRO D 162 -20.59 24.01 3.26
CA PRO D 162 -20.02 25.07 4.13
C PRO D 162 -20.73 26.43 4.09
N GLU D 163 -21.51 26.73 3.05
CA GLU D 163 -22.35 27.93 3.10
C GLU D 163 -23.69 27.75 3.85
N GLY D 164 -23.86 26.61 4.53
CA GLY D 164 -25.16 26.19 5.04
C GLY D 164 -26.41 26.43 4.18
N LYS D 165 -26.43 25.99 2.92
CA LYS D 165 -27.60 26.16 2.03
C LYS D 165 -28.72 25.07 2.14
N PHE D 166 -28.37 23.90 2.66
CA PHE D 166 -29.31 22.80 2.63
C PHE D 166 -29.73 22.53 4.04
N PRO D 167 -30.96 21.99 4.22
CA PRO D 167 -31.37 21.60 5.56
C PRO D 167 -30.53 20.41 6.01
N VAL D 168 -30.47 20.21 7.32
CA VAL D 168 -29.66 19.14 7.84
C VAL D 168 -30.50 18.34 8.86
N LEU D 169 -30.29 17.02 8.91
CA LEU D 169 -30.96 16.22 9.91
C LEU D 169 -29.97 15.23 10.44
N GLU D 170 -30.17 14.87 11.70
CA GLU D 170 -29.40 13.87 12.38
C GLU D 170 -30.08 12.51 12.25
N ALA D 171 -29.29 11.44 12.28
CA ALA D 171 -29.89 10.13 12.16
C ALA D 171 -29.13 9.01 12.81
N VAL D 172 -29.88 8.00 13.22
CA VAL D 172 -29.31 6.72 13.57
C VAL D 172 -30.09 5.70 12.76
N ALA D 173 -29.66 5.49 11.52
CA ALA D 173 -30.49 4.81 10.52
C ALA D 173 -30.75 3.33 10.85
N THR D 174 -29.82 2.74 11.58
CA THR D 174 -29.96 1.35 12.02
C THR D 174 -31.17 1.10 12.94
N GLU D 175 -31.79 2.17 13.42
CA GLU D 175 -32.85 2.15 14.45
C GLU D 175 -34.01 3.04 13.99
N GLY D 176 -33.97 3.45 12.71
CA GLY D 176 -35.05 4.20 12.11
C GLY D 176 -35.00 5.67 12.41
N LYS D 177 -34.08 6.09 13.25
CA LYS D 177 -34.08 7.46 13.74
C LYS D 177 -33.56 8.46 12.69
N GLY D 178 -34.40 9.46 12.42
CA GLY D 178 -34.15 10.42 11.37
C GLY D 178 -34.57 10.03 9.94
N VAL D 179 -34.77 8.74 9.69
CA VAL D 179 -35.01 8.21 8.35
C VAL D 179 -36.23 8.84 7.70
N PHE D 180 -37.38 8.74 8.36
CA PHE D 180 -38.66 9.25 7.82
C PHE D 180 -38.78 10.75 7.78
N GLU D 181 -38.14 11.41 8.75
CA GLU D 181 -38.08 12.87 8.77
C GLU D 181 -37.24 13.45 7.60
N THR D 182 -36.10 12.80 7.31
CA THR D 182 -35.24 13.12 6.18
C THR D 182 -36.00 12.99 4.85
N LEU D 183 -36.67 11.86 4.68
CA LEU D 183 -37.44 11.61 3.51
C LEU D 183 -38.54 12.66 3.34
N LYS D 184 -39.25 12.90 4.43
CA LYS D 184 -40.34 13.85 4.48
C LYS D 184 -39.82 15.20 4.03
N GLU D 185 -38.68 15.62 4.59
CA GLU D 185 -38.04 16.88 4.19
C GLU D 185 -37.68 17.01 2.71
N VAL D 186 -37.06 15.99 2.09
CA VAL D 186 -36.82 16.02 0.67
C VAL D 186 -38.12 16.09 -0.15
N SER D 187 -39.14 15.34 0.29
CA SER D 187 -40.50 15.40 -0.31
C SER D 187 -41.11 16.77 -0.35
N ARG D 188 -41.06 17.41 0.81
CA ARG D 188 -41.58 18.75 0.95
C ARG D 188 -40.89 19.64 -0.07
N LEU D 189 -39.56 19.54 -0.16
CA LEU D 189 -38.85 20.34 -1.16
C LEU D 189 -39.14 20.00 -2.62
N VAL D 190 -39.19 18.71 -2.95
CA VAL D 190 -39.48 18.33 -4.34
C VAL D 190 -40.81 18.98 -4.72
N LEU D 191 -41.82 18.78 -3.86
CA LEU D 191 -43.19 19.20 -4.11
C LEU D 191 -43.39 20.68 -4.19
N ALA D 192 -42.63 21.41 -3.36
CA ALA D 192 -42.61 22.86 -3.37
C ALA D 192 -42.23 23.42 -4.74
N ARG D 193 -41.47 22.63 -5.51
CA ARG D 193 -41.05 23.07 -6.85
C ARG D 193 -42.11 22.84 -7.89
N VAL D 194 -42.99 21.87 -7.65
CA VAL D 194 -44.14 21.63 -8.52
C VAL D 194 -45.27 22.66 -8.31
N ALA D 195 -45.46 23.07 -7.06
CA ALA D 195 -46.33 24.20 -6.75
C ALA D 195 -45.67 25.56 -6.97
PB GDP E . 21.73 -6.05 -0.95
O1B GDP E . 23.15 -5.88 -1.35
O2B GDP E . 21.08 -4.75 -0.61
O3B GDP E . 21.47 -7.14 0.08
O3A GDP E . 21.19 -6.48 -2.41
PA GDP E . 20.07 -7.58 -2.71
O1A GDP E . 18.90 -7.24 -1.85
O2A GDP E . 20.70 -8.94 -2.58
O5' GDP E . 19.79 -7.25 -4.26
C5' GDP E . 19.18 -6.04 -4.72
C4' GDP E . 18.41 -6.32 -6.01
O4' GDP E . 19.37 -6.83 -6.94
C3' GDP E . 17.37 -7.42 -5.82
O3' GDP E . 16.18 -7.13 -6.53
C2' GDP E . 18.03 -8.67 -6.42
O2' GDP E . 17.18 -9.67 -6.98
C1' GDP E . 18.93 -8.09 -7.47
N9 GDP E . 20.08 -8.99 -7.77
C8 GDP E . 20.88 -9.64 -6.90
N7 GDP E . 21.84 -10.34 -7.54
C5 GDP E . 21.65 -10.14 -8.85
C6 GDP E . 22.28 -10.59 -10.12
O6 GDP E . 23.27 -11.36 -10.10
N1 GDP E . 21.77 -10.16 -11.28
C2 GDP E . 20.69 -9.34 -11.33
N2 GDP E . 20.22 -8.94 -12.52
N3 GDP E . 20.06 -8.92 -10.21
C4 GDP E . 20.50 -9.26 -8.98
PB GDP F . 0.60 -11.54 7.51
O1B GDP F . -0.77 -11.55 8.26
O2B GDP F . 1.04 -12.95 7.30
O3B GDP F . 1.70 -10.83 8.27
O3A GDP F . 0.22 -10.76 6.17
PA GDP F . 0.88 -9.37 5.61
O1A GDP F . 2.26 -9.67 5.20
O2A GDP F . 0.71 -8.23 6.56
O5' GDP F . 0.05 -9.12 4.27
C5' GDP F . -0.38 -10.14 3.35
C4' GDP F . -0.77 -9.41 2.08
O4' GDP F . -2.01 -8.67 2.25
C3' GDP F . 0.32 -8.33 1.90
O3' GDP F . 0.79 -8.41 0.57
C2' GDP F . -0.33 -7.00 2.21
O2' GDP F . 0.14 -5.94 1.37
C1' GDP F . -1.81 -7.27 1.98
N9 GDP F . -2.71 -6.49 2.85
C8 GDP F . -2.62 -6.19 4.17
N7 GDP F . -3.71 -5.47 4.60
C5 GDP F . -4.47 -5.27 3.51
C6 GDP F . -5.74 -4.58 3.22
O6 GDP F . -6.40 -4.03 4.11
N1 GDP F . -6.20 -4.64 1.94
C2 GDP F . -5.55 -5.29 0.94
N2 GDP F . -6.06 -5.29 -0.32
N3 GDP F . -4.36 -5.94 1.11
C4 GDP F . -3.82 -5.96 2.37
PB GDP G . 2.89 14.13 -9.32
O1B GDP G . 2.56 12.79 -9.92
O2B GDP G . 1.83 14.75 -8.49
O3B GDP G . 3.20 15.07 -10.47
O3A GDP G . 4.22 13.70 -8.47
PA GDP G . 5.57 14.59 -8.34
O1A GDP G . 5.29 16.02 -8.06
O2A GDP G . 6.40 14.42 -9.59
O5' GDP G . 6.31 13.98 -7.04
C5' GDP G . 5.67 13.71 -5.79
C4' GDP G . 6.75 13.49 -4.74
O4' GDP G . 7.38 12.23 -5.07
C3' GDP G . 7.87 14.54 -4.92
O3' GDP G . 8.51 14.97 -3.71
C2' GDP G . 8.89 13.85 -5.77
O2' GDP G . 10.19 14.41 -5.66
C1' GDP G . 8.79 12.47 -5.17
N9 GDP G . 9.34 11.49 -6.10
C8 GDP G . 9.18 11.49 -7.42
N7 GDP G . 9.82 10.45 -8.00
C5 GDP G . 10.41 9.76 -7.01
C6 GDP G . 11.27 8.55 -6.95
O6 GDP G . 11.58 7.92 -7.97
N1 GDP G . 11.71 8.18 -5.76
C2 GDP G . 11.39 8.84 -4.63
N2 GDP G . 11.89 8.33 -3.47
N3 GDP G . 10.61 9.96 -4.61
C4 GDP G . 10.11 10.45 -5.76
PB GDP H . -24.22 2.21 2.18
O1B GDP H . -24.22 3.73 2.21
O2B GDP H . -23.13 1.65 1.37
O3B GDP H . -25.52 1.62 1.64
O3A GDP H . -24.05 1.76 3.72
PA GDP H . -24.93 0.64 4.49
O1A GDP H . -24.73 -0.70 3.94
O2A GDP H . -26.37 1.01 4.53
O5' GDP H . -24.30 0.72 5.97
C5' GDP H . -22.92 0.43 6.19
C4' GDP H . -22.72 -0.18 7.56
O4' GDP H . -23.03 0.81 8.51
C3' GDP H . -23.73 -1.29 7.77
O3' GDP H . -23.06 -2.35 8.44
C2' GDP H . -24.80 -0.72 8.68
O2' GDP H . -25.32 -1.72 9.57
C1' GDP H . -24.05 0.39 9.39
N9 GDP H . -24.89 1.57 9.70
C8 GDP H . -25.84 2.22 8.99
N7 GDP H . -26.38 3.28 9.70
C5 GDP H . -25.78 3.30 10.89
C6 GDP H . -25.81 4.13 12.09
O6 GDP H . -26.59 5.12 12.15
N1 GDP H . -24.97 3.77 13.10
C2 GDP H . -24.10 2.72 13.01
N2 GDP H . -23.26 2.39 14.00
N3 GDP H . -24.00 1.94 11.93
C4 GDP H . -24.80 2.18 10.87
#